data_9GFO
#
_entry.id   9GFO
#
_cell.length_a   77.119
_cell.length_b   94.120
_cell.length_c   179.314
_cell.angle_alpha   90.000
_cell.angle_beta   90.000
_cell.angle_gamma   90.000
#
_symmetry.space_group_name_H-M   'P 2 21 2'
#
loop_
_entity.id
_entity.type
_entity.pdbx_description
1 polymer 'Tumor protein 63,RelA-associated inhibitor'
2 water water
#
_entity_poly.entity_id   1
_entity_poly.type   'polypeptide(L)'
_entity_poly.pdbx_seq_one_letter_code
;GTKRPFRQNLNPLVLLLDAALTGELEVVQQAVKEMNDPSQPNEEGITALHNAICGANYSIVDFLITAGANVNSPDSHGWT
PLHCAASCNDTVICMALVQHGAAIFATTLSDGATAFEKCDPYREGYADCATYLADVEQSMGLMNSGAVYALWDYSAEFGD
ELSFREGESVTVLRRDGPEETDWWWAALHGQEGYVPRNYFGLFPRVKPQR
;
_entity_poly.pdbx_strand_id   AAA,BBB,CCC,DDD
#
# COMPACT_ATOMS: atom_id res chain seq x y z
N GLY A 1 -0.54 -33.88 -17.77
CA GLY A 1 -1.84 -33.74 -17.06
C GLY A 1 -2.14 -34.95 -16.17
N THR A 2 -1.69 -36.15 -16.56
CA THR A 2 -2.05 -37.45 -15.93
C THR A 2 -1.81 -37.38 -14.40
N LYS A 3 -0.67 -36.83 -13.99
CA LYS A 3 0.05 -37.21 -12.73
C LYS A 3 -0.72 -36.70 -11.50
N ARG A 4 -1.12 -35.43 -11.52
CA ARG A 4 -1.76 -34.74 -10.38
C ARG A 4 -3.05 -35.48 -9.99
N PRO A 5 -3.15 -36.01 -8.76
CA PRO A 5 -4.42 -36.58 -8.28
C PRO A 5 -5.39 -35.47 -7.87
N PHE A 6 -6.69 -35.75 -7.88
CA PHE A 6 -7.76 -34.77 -7.58
C PHE A 6 -7.87 -34.60 -6.07
N ARG A 7 -8.31 -33.41 -5.63
CA ARG A 7 -8.61 -33.11 -4.21
C ARG A 7 -10.10 -33.42 -3.95
N GLN A 8 -10.38 -34.15 -2.86
CA GLN A 8 -11.73 -34.63 -2.49
C GLN A 8 -12.42 -33.58 -1.62
N ASN A 9 -11.63 -32.83 -0.84
CA ASN A 9 -12.13 -31.82 0.13
C ASN A 9 -11.40 -30.50 -0.13
N LEU A 10 -11.82 -29.79 -1.18
CA LEU A 10 -11.39 -28.41 -1.47
C LEU A 10 -11.92 -27.48 -0.37
N ASN A 11 -11.13 -26.46 -0.02
CA ASN A 11 -11.45 -25.47 1.05
C ASN A 11 -12.29 -24.33 0.44
N PRO A 12 -13.58 -24.21 0.84
CA PRO A 12 -14.46 -23.20 0.25
C PRO A 12 -13.88 -21.79 0.35
N LEU A 13 -13.13 -21.51 1.45
CA LEU A 13 -12.48 -20.21 1.74
C LEU A 13 -11.49 -19.86 0.64
N VAL A 14 -10.68 -20.82 0.20
CA VAL A 14 -9.63 -20.61 -0.84
C VAL A 14 -10.32 -20.28 -2.17
N LEU A 15 -11.43 -20.95 -2.45
CA LEU A 15 -12.26 -20.72 -3.67
C LEU A 15 -12.93 -19.35 -3.55
N LEU A 16 -13.50 -19.05 -2.37
CA LEU A 16 -14.18 -17.77 -2.06
C LEU A 16 -13.21 -16.61 -2.28
N LEU A 17 -12.02 -16.67 -1.67
CA LEU A 17 -11.02 -15.56 -1.70
C LEU A 17 -10.60 -15.30 -3.14
N ASP A 18 -10.35 -16.35 -3.91
CA ASP A 18 -9.89 -16.24 -5.32
C ASP A 18 -11.03 -15.62 -6.17
N ALA A 19 -12.25 -16.13 -6.00
CA ALA A 19 -13.45 -15.68 -6.75
C ALA A 19 -13.69 -14.18 -6.45
N ALA A 20 -13.77 -13.82 -5.17
CA ALA A 20 -13.92 -12.44 -4.69
C ALA A 20 -12.91 -11.52 -5.37
N LEU A 21 -11.68 -12.02 -5.60
CA LEU A 21 -10.56 -11.21 -6.15
C LEU A 21 -10.73 -11.03 -7.66
N THR A 22 -10.99 -12.11 -8.40
CA THR A 22 -10.96 -12.14 -9.91
C THR A 22 -12.25 -11.54 -10.47
N GLY A 23 -13.39 -11.77 -9.80
CA GLY A 23 -14.69 -11.17 -10.15
C GLY A 23 -15.72 -12.21 -10.56
N GLU A 24 -15.83 -13.29 -9.80
CA GLU A 24 -16.69 -14.46 -10.09
C GLU A 24 -17.89 -14.46 -9.11
N LEU A 25 -18.87 -13.59 -9.36
CA LEU A 25 -20.01 -13.37 -8.42
C LEU A 25 -20.65 -14.72 -8.07
N GLU A 26 -20.97 -15.53 -9.08
CA GLU A 26 -21.77 -16.78 -8.93
C GLU A 26 -20.98 -17.78 -8.07
N VAL A 27 -19.67 -17.87 -8.28
CA VAL A 27 -18.75 -18.75 -7.49
C VAL A 27 -18.78 -18.30 -6.03
N VAL A 28 -18.69 -16.99 -5.79
CA VAL A 28 -18.74 -16.37 -4.42
C VAL A 28 -20.08 -16.73 -3.76
N GLN A 29 -21.19 -16.63 -4.50
CA GLN A 29 -22.58 -16.87 -4.00
C GLN A 29 -22.68 -18.31 -3.48
N GLN A 30 -22.19 -19.28 -4.26
CA GLN A 30 -22.25 -20.74 -3.93
C GLN A 30 -21.33 -21.03 -2.74
N ALA A 31 -20.12 -20.44 -2.73
CA ALA A 31 -19.09 -20.63 -1.68
C ALA A 31 -19.59 -20.09 -0.33
N VAL A 32 -20.45 -19.08 -0.36
CA VAL A 32 -21.00 -18.41 0.86
C VAL A 32 -22.06 -19.32 1.48
N LYS A 33 -22.99 -19.84 0.67
CA LYS A 33 -23.98 -20.87 1.09
C LYS A 33 -23.25 -22.03 1.77
N GLU A 34 -22.17 -22.50 1.14
CA GLU A 34 -21.45 -23.73 1.55
C GLU A 34 -21.03 -23.62 3.02
N MET A 35 -20.16 -22.66 3.34
CA MET A 35 -19.52 -22.53 4.67
C MET A 35 -20.43 -21.72 5.61
N ASN A 36 -20.18 -21.81 6.93
CA ASN A 36 -20.83 -20.98 7.97
C ASN A 36 -20.52 -19.52 7.70
N ASP A 37 -19.22 -19.21 7.55
CA ASP A 37 -18.62 -17.88 7.86
C ASP A 37 -18.02 -17.27 6.58
N PRO A 38 -18.70 -16.28 5.94
CA PRO A 38 -18.13 -15.57 4.79
C PRO A 38 -16.95 -14.67 5.17
N SER A 39 -16.89 -14.25 6.44
CA SER A 39 -15.93 -13.24 6.97
C SER A 39 -14.66 -13.93 7.47
N GLN A 40 -14.59 -15.26 7.37
CA GLN A 40 -13.40 -16.07 7.79
C GLN A 40 -12.16 -15.51 7.08
N PRO A 41 -11.10 -15.14 7.84
CA PRO A 41 -9.85 -14.69 7.25
C PRO A 41 -8.86 -15.83 6.94
N ASN A 42 -7.98 -15.61 5.95
CA ASN A 42 -6.77 -16.44 5.69
C ASN A 42 -5.68 -16.08 6.72
N GLU A 43 -4.44 -16.53 6.49
CA GLU A 43 -3.24 -16.27 7.34
C GLU A 43 -3.05 -14.77 7.56
N GLU A 44 -3.19 -13.98 6.49
CA GLU A 44 -2.77 -12.55 6.43
C GLU A 44 -3.85 -11.66 7.08
N GLY A 45 -5.01 -12.23 7.42
CA GLY A 45 -6.17 -11.49 7.92
C GLY A 45 -7.03 -10.95 6.79
N ILE A 46 -6.82 -11.47 5.57
CA ILE A 46 -7.51 -11.04 4.33
C ILE A 46 -8.81 -11.83 4.18
N THR A 47 -9.93 -11.13 3.96
CA THR A 47 -11.30 -11.68 3.82
C THR A 47 -11.78 -11.53 2.38
N ALA A 48 -12.86 -12.22 2.03
CA ALA A 48 -13.58 -12.05 0.76
C ALA A 48 -13.77 -10.55 0.46
N LEU A 49 -14.22 -9.78 1.46
CA LEU A 49 -14.56 -8.34 1.27
C LEU A 49 -13.28 -7.57 0.91
N HIS A 50 -12.16 -7.85 1.57
CA HIS A 50 -10.85 -7.23 1.23
C HIS A 50 -10.55 -7.45 -0.24
N ASN A 51 -10.64 -8.70 -0.70
CA ASN A 51 -10.29 -9.11 -2.10
C ASN A 51 -11.26 -8.43 -3.08
N ALA A 52 -12.57 -8.52 -2.81
CA ALA A 52 -13.63 -7.90 -3.61
C ALA A 52 -13.33 -6.40 -3.80
N ILE A 53 -12.84 -5.72 -2.75
CA ILE A 53 -12.57 -4.25 -2.76
C ILE A 53 -11.35 -3.97 -3.64
N CYS A 54 -10.27 -4.73 -3.47
CA CYS A 54 -8.98 -4.53 -4.18
C CYS A 54 -9.14 -4.96 -5.64
N GLY A 55 -10.03 -5.93 -5.91
CA GLY A 55 -10.41 -6.36 -7.27
C GLY A 55 -11.37 -5.37 -7.92
N ALA A 56 -11.95 -4.46 -7.14
CA ALA A 56 -12.91 -3.43 -7.57
C ALA A 56 -14.17 -4.11 -8.15
N ASN A 57 -14.65 -5.17 -7.49
CA ASN A 57 -15.80 -5.99 -7.97
C ASN A 57 -17.06 -5.57 -7.19
N TYR A 58 -17.71 -4.50 -7.65
CA TYR A 58 -18.75 -3.74 -6.91
C TYR A 58 -19.91 -4.66 -6.56
N SER A 59 -20.26 -5.53 -7.51
CA SER A 59 -21.39 -6.48 -7.40
C SER A 59 -21.14 -7.47 -6.25
N ILE A 60 -19.87 -7.83 -6.01
CA ILE A 60 -19.47 -8.82 -4.97
C ILE A 60 -19.35 -8.11 -3.61
N VAL A 61 -18.78 -6.90 -3.60
CA VAL A 61 -18.80 -6.01 -2.40
C VAL A 61 -20.25 -5.95 -1.89
N ASP A 62 -21.18 -5.56 -2.76
CA ASP A 62 -22.62 -5.36 -2.42
C ASP A 62 -23.20 -6.67 -1.87
N PHE A 63 -22.95 -7.79 -2.54
CA PHE A 63 -23.49 -9.12 -2.14
C PHE A 63 -22.91 -9.53 -0.78
N LEU A 64 -21.60 -9.29 -0.59
CA LEU A 64 -20.86 -9.72 0.64
C LEU A 64 -21.32 -8.91 1.84
N ILE A 65 -21.48 -7.59 1.68
CA ILE A 65 -22.00 -6.69 2.75
C ILE A 65 -23.40 -7.18 3.14
N THR A 66 -24.29 -7.37 2.15
CA THR A 66 -25.70 -7.76 2.36
C THR A 66 -25.77 -9.10 3.09
N ALA A 67 -24.86 -10.04 2.77
CA ALA A 67 -24.80 -11.40 3.38
C ALA A 67 -24.17 -11.33 4.78
N GLY A 68 -23.65 -10.17 5.18
CA GLY A 68 -23.20 -9.89 6.55
C GLY A 68 -21.72 -10.12 6.74
N ALA A 69 -20.93 -9.93 5.68
CA ALA A 69 -19.45 -9.87 5.75
C ALA A 69 -19.05 -8.79 6.76
N ASN A 70 -17.99 -9.06 7.54
CA ASN A 70 -17.48 -8.15 8.59
C ASN A 70 -16.81 -6.94 7.91
N VAL A 71 -17.46 -5.78 7.95
CA VAL A 71 -17.04 -4.52 7.27
C VAL A 71 -15.84 -3.91 8.01
N ASN A 72 -15.47 -4.42 9.20
CA ASN A 72 -14.46 -3.81 10.09
C ASN A 72 -13.23 -4.74 10.26
N SER A 73 -13.25 -5.94 9.66
CA SER A 73 -12.21 -6.97 9.82
C SER A 73 -10.84 -6.39 9.44
N PRO A 74 -9.90 -6.28 10.41
CA PRO A 74 -8.56 -5.82 10.10
C PRO A 74 -7.67 -6.95 9.55
N ASP A 75 -6.85 -6.64 8.54
CA ASP A 75 -5.78 -7.55 8.04
C ASP A 75 -4.57 -7.47 8.99
N SER A 76 -3.50 -8.21 8.69
CA SER A 76 -2.23 -8.26 9.48
C SER A 76 -1.81 -6.85 9.91
N HIS A 77 -1.88 -5.87 8.98
CA HIS A 77 -1.33 -4.48 9.13
C HIS A 77 -2.37 -3.53 9.77
N GLY A 78 -3.54 -4.04 10.14
CA GLY A 78 -4.60 -3.25 10.81
C GLY A 78 -5.42 -2.44 9.81
N TRP A 79 -5.26 -2.74 8.51
CA TRP A 79 -6.05 -2.15 7.41
C TRP A 79 -7.44 -2.78 7.38
N THR A 80 -8.47 -1.96 7.58
CA THR A 80 -9.90 -2.34 7.47
C THR A 80 -10.33 -2.21 6.02
N PRO A 81 -11.50 -2.79 5.65
CA PRO A 81 -12.05 -2.58 4.32
C PRO A 81 -12.12 -1.10 3.93
N LEU A 82 -12.44 -0.23 4.89
CA LEU A 82 -12.56 1.22 4.65
C LEU A 82 -11.19 1.80 4.29
N HIS A 83 -10.13 1.37 4.98
CA HIS A 83 -8.73 1.78 4.68
C HIS A 83 -8.40 1.45 3.21
N CYS A 84 -8.70 0.22 2.79
CA CYS A 84 -8.39 -0.29 1.43
C CYS A 84 -9.19 0.52 0.39
N ALA A 85 -10.48 0.71 0.62
CA ALA A 85 -11.38 1.49 -0.24
C ALA A 85 -10.84 2.92 -0.40
N ALA A 86 -10.49 3.56 0.72
CA ALA A 86 -9.97 4.95 0.76
C ALA A 86 -8.67 5.04 -0.06
N SER A 87 -7.81 4.04 0.01
CA SER A 87 -6.48 4.02 -0.65
C SER A 87 -6.65 4.01 -2.18
N CYS A 88 -7.81 3.58 -2.68
CA CYS A 88 -8.18 3.57 -4.13
C CYS A 88 -9.10 4.76 -4.45
N ASN A 89 -9.27 5.68 -3.50
CA ASN A 89 -10.21 6.83 -3.61
C ASN A 89 -11.60 6.32 -4.01
N ASP A 90 -12.00 5.14 -3.57
CA ASP A 90 -13.26 4.48 -4.03
C ASP A 90 -14.42 4.94 -3.13
N THR A 91 -14.97 6.12 -3.43
CA THR A 91 -16.04 6.79 -2.66
C THR A 91 -17.26 5.85 -2.56
N VAL A 92 -17.62 5.19 -3.66
CA VAL A 92 -18.85 4.33 -3.75
C VAL A 92 -18.75 3.20 -2.72
N ILE A 93 -17.59 2.55 -2.61
CA ILE A 93 -17.36 1.43 -1.66
C ILE A 93 -17.28 1.99 -0.23
N CYS A 94 -16.61 3.13 -0.04
CA CYS A 94 -16.53 3.84 1.25
C CYS A 94 -17.95 4.11 1.79
N MET A 95 -18.86 4.54 0.92
CA MET A 95 -20.28 4.86 1.27
C MET A 95 -21.00 3.57 1.71
N ALA A 96 -20.85 2.49 0.94
CA ALA A 96 -21.49 1.19 1.21
C ALA A 96 -20.99 0.64 2.56
N LEU A 97 -19.70 0.77 2.85
CA LEU A 97 -19.10 0.27 4.12
C LEU A 97 -19.65 1.09 5.30
N VAL A 98 -19.56 2.41 5.22
CA VAL A 98 -20.02 3.32 6.29
C VAL A 98 -21.50 3.01 6.59
N GLN A 99 -22.31 2.79 5.55
CA GLN A 99 -23.79 2.62 5.66
C GLN A 99 -24.15 1.25 6.25
N HIS A 100 -23.16 0.34 6.38
CA HIS A 100 -23.34 -1.02 6.94
C HIS A 100 -22.36 -1.26 8.11
N GLY A 101 -21.84 -0.20 8.70
CA GLY A 101 -21.35 -0.19 10.10
C GLY A 101 -19.85 -0.06 10.21
N ALA A 102 -19.18 0.47 9.20
CA ALA A 102 -17.70 0.66 9.21
C ALA A 102 -17.34 1.75 10.21
N ALA A 103 -16.21 1.58 10.90
CA ALA A 103 -15.68 2.51 11.93
C ALA A 103 -14.80 3.57 11.26
N ILE A 104 -15.32 4.77 11.08
CA ILE A 104 -14.66 5.87 10.33
C ILE A 104 -13.33 6.23 11.00
N PHE A 105 -13.20 6.02 12.32
CA PHE A 105 -12.05 6.51 13.13
C PHE A 105 -11.06 5.39 13.43
N ALA A 106 -11.26 4.21 12.86
CA ALA A 106 -10.35 3.06 13.01
C ALA A 106 -8.95 3.46 12.52
N THR A 107 -7.94 3.03 13.25
CA THR A 107 -6.51 3.38 13.03
C THR A 107 -5.74 2.10 12.68
N THR A 108 -4.78 2.19 11.74
CA THR A 108 -3.85 1.09 11.35
C THR A 108 -2.96 0.75 12.55
N LEU A 109 -2.28 -0.41 12.49
CA LEU A 109 -1.47 -0.96 13.61
C LEU A 109 -0.17 -0.14 13.77
N SER A 110 0.63 -0.09 12.72
CA SER A 110 1.88 0.70 12.64
C SER A 110 1.55 2.09 12.07
N ASP A 111 1.60 3.12 12.92
CA ASP A 111 1.62 4.56 12.54
C ASP A 111 0.21 5.14 12.71
N GLY A 112 -0.81 4.30 12.95
CA GLY A 112 -2.09 4.68 13.56
C GLY A 112 -2.90 5.63 12.69
N ALA A 113 -3.02 5.33 11.39
CA ALA A 113 -3.65 6.20 10.37
C ALA A 113 -5.13 5.82 10.18
N THR A 114 -5.98 6.83 9.98
CA THR A 114 -7.42 6.70 9.62
C THR A 114 -7.54 6.43 8.10
N ALA A 115 -8.73 6.05 7.66
CA ALA A 115 -9.08 5.80 6.24
C ALA A 115 -8.89 7.10 5.46
N PHE A 116 -9.35 8.23 6.00
CA PHE A 116 -9.21 9.56 5.37
C PHE A 116 -7.75 9.74 4.91
N GLU A 117 -6.80 9.36 5.76
CA GLU A 117 -5.35 9.69 5.57
C GLU A 117 -4.75 8.81 4.46
N LYS A 118 -5.45 7.76 4.04
CA LYS A 118 -4.96 6.78 3.03
C LYS A 118 -5.42 7.19 1.63
N CYS A 119 -6.26 8.21 1.50
CA CYS A 119 -6.69 8.76 0.20
C CYS A 119 -5.45 9.19 -0.62
N ASP A 120 -5.45 8.90 -1.92
CA ASP A 120 -4.28 9.05 -2.85
C ASP A 120 -4.45 10.34 -3.65
N PRO A 121 -3.66 11.39 -3.35
CA PRO A 121 -3.87 12.70 -3.95
C PRO A 121 -3.54 12.77 -5.46
N TYR A 122 -2.92 11.73 -6.03
CA TYR A 122 -2.41 11.72 -7.44
C TYR A 122 -3.25 10.79 -8.32
N ARG A 123 -4.45 10.40 -7.86
CA ARG A 123 -5.36 9.46 -8.58
C ARG A 123 -6.77 10.09 -8.61
N GLU A 124 -7.54 9.79 -9.66
CA GLU A 124 -8.93 10.28 -9.85
C GLU A 124 -9.71 10.04 -8.55
N GLY A 125 -10.60 10.98 -8.21
CA GLY A 125 -11.62 10.84 -7.15
C GLY A 125 -11.09 11.21 -5.77
N TYR A 126 -9.85 11.69 -5.68
CA TYR A 126 -9.20 12.09 -4.40
C TYR A 126 -10.15 13.05 -3.65
N ALA A 127 -10.48 14.19 -4.25
CA ALA A 127 -11.30 15.25 -3.63
C ALA A 127 -12.64 14.70 -3.17
N ASP A 128 -13.30 13.89 -4.01
CA ASP A 128 -14.65 13.31 -3.71
C ASP A 128 -14.54 12.41 -2.48
N CYS A 129 -13.55 11.51 -2.45
CA CYS A 129 -13.37 10.49 -1.38
C CYS A 129 -12.96 11.17 -0.07
N ALA A 130 -11.99 12.06 -0.12
CA ALA A 130 -11.53 12.85 1.05
C ALA A 130 -12.71 13.65 1.63
N THR A 131 -13.46 14.32 0.77
CA THR A 131 -14.62 15.17 1.17
C THR A 131 -15.64 14.28 1.90
N TYR A 132 -15.93 13.09 1.35
CA TYR A 132 -16.94 12.15 1.90
C TYR A 132 -16.51 11.72 3.29
N LEU A 133 -15.27 11.22 3.40
CA LEU A 133 -14.76 10.62 4.65
C LEU A 133 -14.66 11.71 5.73
N ALA A 134 -14.20 12.91 5.39
CA ALA A 134 -14.12 14.05 6.32
C ALA A 134 -15.54 14.45 6.79
N ASP A 135 -16.52 14.40 5.89
CA ASP A 135 -17.95 14.70 6.19
C ASP A 135 -18.48 13.64 7.19
N VAL A 136 -18.13 12.36 6.99
CA VAL A 136 -18.59 11.26 7.88
C VAL A 136 -17.96 11.47 9.26
N GLU A 137 -16.68 11.81 9.30
CA GLU A 137 -15.93 12.13 10.55
C GLU A 137 -16.68 13.24 11.31
N GLN A 138 -16.99 14.34 10.61
CA GLN A 138 -17.69 15.53 11.16
C GLN A 138 -19.07 15.12 11.70
N SER A 139 -19.80 14.31 10.94
CA SER A 139 -21.24 14.01 11.14
C SER A 139 -21.40 13.11 12.37
N MET A 140 -20.37 12.36 12.71
CA MET A 140 -20.43 11.30 13.72
C MET A 140 -20.63 11.90 15.13
N GLY A 141 -21.72 11.53 15.80
CA GLY A 141 -22.14 12.07 17.11
C GLY A 141 -23.02 13.30 16.98
N LEU A 142 -23.40 13.64 15.76
CA LEU A 142 -24.18 14.85 15.43
C LEU A 142 -25.48 14.42 14.74
N MET A 143 -25.38 13.56 13.75
CA MET A 143 -26.56 12.93 13.09
C MET A 143 -27.27 11.96 14.06
N ASN A 144 -28.48 11.53 13.73
CA ASN A 144 -29.16 10.38 14.39
C ASN A 144 -29.36 10.73 15.88
N SER A 145 -29.47 12.02 16.22
CA SER A 145 -29.60 12.54 17.61
C SER A 145 -28.38 12.17 18.46
N GLY A 146 -27.21 12.10 17.84
CA GLY A 146 -25.92 11.79 18.51
C GLY A 146 -25.74 10.29 18.75
N ALA A 147 -26.69 9.48 18.34
CA ALA A 147 -26.68 8.01 18.49
C ALA A 147 -25.65 7.42 17.54
N VAL A 148 -24.75 6.61 18.07
CA VAL A 148 -23.73 5.83 17.32
C VAL A 148 -23.76 4.40 17.85
N TYR A 149 -23.29 3.44 17.06
CA TYR A 149 -23.47 1.99 17.28
C TYR A 149 -22.12 1.37 17.63
N ALA A 150 -22.00 0.81 18.83
CA ALA A 150 -20.80 0.10 19.32
C ALA A 150 -20.57 -1.10 18.40
N LEU A 151 -19.33 -1.29 17.95
CA LEU A 151 -18.94 -2.37 17.00
C LEU A 151 -18.19 -3.48 17.76
N TRP A 152 -17.74 -3.19 18.99
CA TRP A 152 -17.15 -4.18 19.94
C TRP A 152 -17.61 -3.87 21.36
N ASP A 153 -17.51 -4.84 22.27
CA ASP A 153 -17.59 -4.60 23.73
C ASP A 153 -16.47 -3.65 24.14
N TYR A 154 -16.69 -2.84 25.18
CA TYR A 154 -15.63 -2.07 25.89
C TYR A 154 -15.89 -2.08 27.41
N SER A 155 -14.80 -2.22 28.18
CA SER A 155 -14.76 -2.21 29.66
C SER A 155 -13.98 -1.01 30.14
N ALA A 156 -14.66 -0.04 30.77
CA ALA A 156 -14.06 1.15 31.41
C ALA A 156 -12.80 0.75 32.18
N GLU A 157 -11.73 1.55 32.08
CA GLU A 157 -10.47 1.33 32.82
C GLU A 157 -10.25 2.49 33.80
N PHE A 158 -11.11 3.51 33.73
CA PHE A 158 -11.20 4.63 34.72
C PHE A 158 -12.67 4.94 34.96
N GLY A 159 -12.98 5.56 36.10
CA GLY A 159 -14.36 5.80 36.57
C GLY A 159 -15.11 6.79 35.71
N ASP A 160 -14.40 7.61 34.91
CA ASP A 160 -15.02 8.63 34.02
C ASP A 160 -15.19 8.05 32.60
N GLU A 161 -15.03 6.74 32.43
CA GLU A 161 -15.29 6.05 31.13
C GLU A 161 -16.60 5.26 31.21
N LEU A 162 -17.18 4.97 30.07
CA LEU A 162 -18.44 4.23 29.91
C LEU A 162 -18.10 2.83 29.41
N SER A 163 -18.56 1.79 30.10
CA SER A 163 -18.64 0.41 29.57
C SER A 163 -19.83 0.30 28.61
N PHE A 164 -19.72 -0.54 27.57
CA PHE A 164 -20.83 -0.78 26.61
C PHE A 164 -20.61 -2.12 25.90
N ARG A 165 -21.67 -2.65 25.29
CA ARG A 165 -21.68 -3.97 24.58
C ARG A 165 -21.75 -3.73 23.07
N GLU A 166 -21.17 -4.63 22.29
CA GLU A 166 -21.40 -4.75 20.83
C GLU A 166 -22.90 -4.59 20.55
N GLY A 167 -23.26 -3.63 19.69
CA GLY A 167 -24.63 -3.48 19.16
C GLY A 167 -25.39 -2.35 19.83
N GLU A 168 -24.96 -1.95 21.03
CA GLU A 168 -25.68 -0.95 21.85
C GLU A 168 -25.61 0.42 21.16
N SER A 169 -26.73 1.12 21.14
CA SER A 169 -26.85 2.53 20.76
C SER A 169 -26.32 3.41 21.91
N VAL A 170 -25.27 4.18 21.65
CA VAL A 170 -24.62 5.11 22.60
C VAL A 170 -24.82 6.53 22.07
N THR A 171 -25.15 7.47 22.93
CA THR A 171 -25.48 8.86 22.54
C THR A 171 -24.31 9.75 22.92
N VAL A 172 -23.74 10.44 21.93
CA VAL A 172 -22.62 11.40 22.11
C VAL A 172 -23.21 12.73 22.59
N LEU A 173 -22.69 13.24 23.69
CA LEU A 173 -23.11 14.52 24.31
C LEU A 173 -22.15 15.64 23.88
N ARG A 174 -20.83 15.40 23.98
CA ARG A 174 -19.76 16.35 23.62
C ARG A 174 -18.68 15.60 22.83
N ARG A 175 -18.32 16.08 21.64
CA ARG A 175 -17.16 15.57 20.84
C ARG A 175 -15.90 16.36 21.24
N ASP A 176 -15.88 17.65 20.90
CA ASP A 176 -14.64 18.44 20.66
C ASP A 176 -14.05 18.92 21.99
N GLY A 177 -14.42 18.28 23.11
CA GLY A 177 -13.69 18.46 24.38
C GLY A 177 -12.19 18.52 24.13
N PRO A 178 -11.52 19.68 24.32
CA PRO A 178 -10.13 19.83 23.93
C PRO A 178 -9.22 18.86 24.72
N GLU A 179 -9.76 18.30 25.81
CA GLU A 179 -9.01 17.45 26.78
C GLU A 179 -8.72 16.09 26.15
N GLU A 180 -9.53 15.64 25.20
CA GLU A 180 -9.37 14.31 24.55
C GLU A 180 -9.82 14.38 23.08
N THR A 181 -8.90 14.08 22.16
CA THR A 181 -9.14 14.09 20.69
C THR A 181 -9.71 12.74 20.26
N ASP A 182 -9.40 11.64 20.98
CA ASP A 182 -9.76 10.26 20.58
C ASP A 182 -10.95 9.75 21.42
N TRP A 183 -11.57 10.60 22.25
CA TRP A 183 -12.65 10.19 23.19
C TRP A 183 -13.81 11.17 23.13
N TRP A 184 -15.04 10.64 23.23
CA TRP A 184 -16.30 11.41 23.31
C TRP A 184 -16.90 11.25 24.72
N TRP A 185 -17.48 12.31 25.28
CA TRP A 185 -18.38 12.24 26.45
C TRP A 185 -19.76 11.77 25.95
N ALA A 186 -20.25 10.64 26.46
CA ALA A 186 -21.41 9.93 25.92
C ALA A 186 -22.34 9.44 27.03
N ALA A 187 -23.52 8.97 26.65
CA ALA A 187 -24.62 8.55 27.55
C ALA A 187 -25.13 7.17 27.12
N LEU A 188 -25.39 6.31 28.09
CA LEU A 188 -25.99 4.97 27.90
C LEU A 188 -26.69 4.55 29.19
N HIS A 189 -28.01 4.36 29.15
CA HIS A 189 -28.84 3.89 30.29
C HIS A 189 -28.59 4.77 31.52
N GLY A 190 -28.58 6.09 31.32
CA GLY A 190 -28.49 7.09 32.41
C GLY A 190 -27.12 7.14 33.06
N GLN A 191 -26.14 6.42 32.51
CA GLN A 191 -24.70 6.59 32.84
C GLN A 191 -24.08 7.58 31.84
N GLU A 192 -23.08 8.34 32.27
CA GLU A 192 -22.29 9.24 31.39
C GLU A 192 -20.80 8.94 31.59
N GLY A 193 -20.00 9.11 30.55
CA GLY A 193 -18.56 8.83 30.57
C GLY A 193 -17.93 8.90 29.19
N TYR A 194 -16.60 8.93 29.14
CA TYR A 194 -15.79 8.92 27.90
C TYR A 194 -15.92 7.56 27.22
N VAL A 195 -16.14 7.57 25.90
CA VAL A 195 -16.05 6.37 25.02
C VAL A 195 -15.01 6.65 23.95
N PRO A 196 -14.27 5.62 23.51
CA PRO A 196 -13.29 5.78 22.43
C PRO A 196 -13.95 5.81 21.04
N ARG A 197 -13.63 6.85 20.26
CA ARG A 197 -14.18 7.12 18.90
C ARG A 197 -14.17 5.86 18.03
N ASN A 198 -13.07 5.13 18.05
CA ASN A 198 -12.74 4.12 17.03
C ASN A 198 -13.55 2.84 17.28
N TYR A 199 -14.45 2.83 18.27
CA TYR A 199 -15.26 1.63 18.61
C TYR A 199 -16.64 1.71 17.95
N PHE A 200 -16.93 2.81 17.22
CA PHE A 200 -18.32 3.16 16.84
C PHE A 200 -18.45 3.35 15.33
N GLY A 201 -19.66 3.05 14.82
CA GLY A 201 -20.09 3.36 13.45
C GLY A 201 -21.31 4.27 13.43
N LEU A 202 -21.51 4.97 12.32
CA LEU A 202 -22.64 5.89 12.08
C LEU A 202 -23.93 5.08 11.86
N PHE A 203 -23.78 3.87 11.34
CA PHE A 203 -24.88 2.91 11.10
C PHE A 203 -24.54 1.63 11.81
N PRO A 204 -25.53 0.76 12.08
CA PRO A 204 -25.26 -0.54 12.68
C PRO A 204 -24.72 -1.56 11.66
N ARG A 205 -24.11 -2.64 12.17
CA ARG A 205 -23.72 -3.85 11.40
C ARG A 205 -24.98 -4.46 10.78
N VAL A 206 -24.81 -5.23 9.70
CA VAL A 206 -25.77 -6.27 9.24
C VAL A 206 -25.50 -7.57 10.02
N LYS A 207 -26.54 -8.34 10.32
CA LYS A 207 -26.42 -9.68 10.99
C LYS A 207 -26.28 -10.78 9.92
N GLY B 1 -13.91 22.76 11.00
CA GLY B 1 -14.85 21.82 10.35
C GLY B 1 -14.42 21.47 8.93
N THR B 2 -15.07 22.08 7.92
CA THR B 2 -15.11 21.58 6.51
C THR B 2 -15.29 22.75 5.51
N LYS B 3 -14.73 23.93 5.82
CA LYS B 3 -14.87 25.13 4.95
C LYS B 3 -13.97 25.00 3.72
N ARG B 4 -12.70 24.70 3.92
CA ARG B 4 -11.70 24.57 2.82
C ARG B 4 -12.12 23.39 1.95
N PRO B 5 -12.40 23.59 0.65
CA PRO B 5 -12.66 22.48 -0.26
C PRO B 5 -11.35 21.78 -0.61
N PHE B 6 -11.42 20.48 -0.89
CA PHE B 6 -10.24 19.63 -1.19
C PHE B 6 -9.82 19.90 -2.65
N ARG B 7 -8.52 19.76 -2.91
CA ARG B 7 -7.90 19.97 -4.23
C ARG B 7 -7.82 18.64 -4.95
N GLN B 8 -8.20 18.62 -6.24
CA GLN B 8 -8.16 17.42 -7.11
C GLN B 8 -6.78 17.26 -7.75
N ASN B 9 -6.01 18.34 -7.91
CA ASN B 9 -4.65 18.31 -8.52
C ASN B 9 -3.64 18.99 -7.57
N LEU B 10 -3.29 18.29 -6.49
CA LEU B 10 -2.13 18.63 -5.62
C LEU B 10 -0.84 18.42 -6.42
N ASN B 11 0.15 19.30 -6.21
CA ASN B 11 1.40 19.35 -7.01
C ASN B 11 2.46 18.47 -6.36
N PRO B 12 2.86 17.35 -7.01
CA PRO B 12 3.80 16.42 -6.40
C PRO B 12 5.09 17.09 -5.94
N LEU B 13 5.58 18.10 -6.68
CA LEU B 13 6.84 18.81 -6.37
C LEU B 13 6.70 19.58 -5.05
N VAL B 14 5.56 20.25 -4.87
CA VAL B 14 5.22 21.05 -3.65
C VAL B 14 5.19 20.11 -2.44
N LEU B 15 4.60 18.93 -2.64
CA LEU B 15 4.44 17.90 -1.61
C LEU B 15 5.81 17.29 -1.32
N LEU B 16 6.58 17.00 -2.36
CA LEU B 16 7.94 16.42 -2.28
C LEU B 16 8.84 17.33 -1.46
N LEU B 17 8.90 18.63 -1.80
CA LEU B 17 9.86 19.57 -1.18
C LEU B 17 9.53 19.73 0.29
N ASP B 18 8.25 19.86 0.61
CA ASP B 18 7.78 20.05 1.99
C ASP B 18 8.07 18.78 2.80
N ALA B 19 7.73 17.62 2.24
CA ALA B 19 7.90 16.30 2.87
C ALA B 19 9.38 16.06 3.17
N ALA B 20 10.23 16.20 2.15
CA ALA B 20 11.70 16.07 2.27
C ALA B 20 12.20 16.93 3.44
N LEU B 21 11.62 18.11 3.64
CA LEU B 21 12.08 19.10 4.66
C LEU B 21 11.63 18.66 6.07
N THR B 22 10.34 18.30 6.24
CA THR B 22 9.71 18.05 7.57
C THR B 22 10.07 16.66 8.09
N GLY B 23 10.19 15.67 7.20
CA GLY B 23 10.65 14.30 7.52
C GLY B 23 9.56 13.26 7.28
N GLU B 24 8.89 13.34 6.14
CA GLU B 24 7.74 12.48 5.75
C GLU B 24 8.18 11.50 4.66
N LEU B 25 8.92 10.46 5.04
CA LEU B 25 9.54 9.51 4.10
C LEU B 25 8.47 8.99 3.12
N GLU B 26 7.33 8.53 3.64
CA GLU B 26 6.27 7.85 2.83
C GLU B 26 5.70 8.81 1.79
N VAL B 27 5.49 10.07 2.17
CA VAL B 27 4.99 11.16 1.26
C VAL B 27 6.00 11.36 0.13
N VAL B 28 7.30 11.43 0.48
CA VAL B 28 8.43 11.58 -0.49
C VAL B 28 8.40 10.40 -1.47
N GLN B 29 8.27 9.17 -0.95
CA GLN B 29 8.30 7.92 -1.75
C GLN B 29 7.19 7.96 -2.82
N GLN B 30 5.96 8.34 -2.44
CA GLN B 30 4.76 8.38 -3.32
C GLN B 30 4.94 9.52 -4.34
N ALA B 31 5.42 10.68 -3.91
CA ALA B 31 5.62 11.89 -4.75
C ALA B 31 6.68 11.61 -5.84
N VAL B 32 7.64 10.73 -5.55
CA VAL B 32 8.78 10.38 -6.46
C VAL B 32 8.24 9.46 -7.57
N LYS B 33 7.47 8.43 -7.21
CA LYS B 33 6.74 7.55 -8.17
C LYS B 33 5.92 8.43 -9.13
N GLU B 34 5.20 9.42 -8.58
CA GLU B 34 4.23 10.25 -9.34
C GLU B 34 4.95 10.90 -10.53
N MET B 35 5.92 11.77 -10.26
CA MET B 35 6.57 12.62 -11.30
C MET B 35 7.72 11.84 -11.96
N ASN B 36 8.19 12.30 -13.13
CA ASN B 36 9.38 11.76 -13.85
C ASN B 36 10.61 11.90 -12.93
N ASP B 37 10.81 13.13 -12.42
CA ASP B 37 12.13 13.70 -12.04
C ASP B 37 12.13 13.99 -10.54
N PRO B 38 12.81 13.17 -9.71
CA PRO B 38 12.97 13.48 -8.29
C PRO B 38 13.86 14.71 -8.02
N SER B 39 14.74 15.03 -8.97
CA SER B 39 15.78 16.10 -8.83
C SER B 39 15.25 17.43 -9.37
N GLN B 40 13.97 17.48 -9.77
CA GLN B 40 13.30 18.72 -10.26
C GLN B 40 13.44 19.80 -9.21
N PRO B 41 13.98 20.99 -9.57
CA PRO B 41 14.09 22.10 -8.65
C PRO B 41 12.86 23.04 -8.63
N ASN B 42 12.66 23.76 -7.52
CA ASN B 42 11.73 24.92 -7.42
C ASN B 42 12.39 26.15 -8.05
N GLU B 43 11.84 27.33 -7.81
CA GLU B 43 12.33 28.65 -8.31
C GLU B 43 13.80 28.85 -7.89
N GLU B 44 14.13 28.53 -6.64
CA GLU B 44 15.40 28.91 -5.97
C GLU B 44 16.52 27.95 -6.38
N GLY B 45 16.19 26.85 -7.09
CA GLY B 45 17.14 25.78 -7.45
C GLY B 45 17.27 24.74 -6.32
N ILE B 46 16.32 24.77 -5.39
CA ILE B 46 16.26 23.86 -4.20
C ILE B 46 15.53 22.58 -4.61
N THR B 47 16.15 21.43 -4.31
CA THR B 47 15.65 20.08 -4.63
C THR B 47 15.25 19.36 -3.34
N ALA B 48 14.53 18.25 -3.48
CA ALA B 48 14.23 17.29 -2.40
C ALA B 48 15.49 17.05 -1.56
N LEU B 49 16.61 16.74 -2.21
CA LEU B 49 17.88 16.36 -1.53
C LEU B 49 18.37 17.53 -0.68
N HIS B 50 18.31 18.75 -1.19
CA HIS B 50 18.67 19.98 -0.43
C HIS B 50 17.87 20.00 0.87
N ASN B 51 16.54 19.87 0.76
CA ASN B 51 15.60 19.99 1.90
C ASN B 51 15.86 18.85 2.89
N ALA B 52 15.94 17.62 2.40
CA ALA B 52 16.25 16.40 3.18
C ALA B 52 17.52 16.63 4.01
N ILE B 53 18.54 17.29 3.43
CA ILE B 53 19.86 17.50 4.09
C ILE B 53 19.71 18.55 5.19
N CYS B 54 19.04 19.66 4.90
CA CYS B 54 18.87 20.79 5.85
C CYS B 54 17.88 20.40 6.95
N GLY B 55 16.95 19.49 6.65
CA GLY B 55 16.03 18.89 7.64
C GLY B 55 16.72 17.79 8.46
N ALA B 56 17.89 17.35 8.02
CA ALA B 56 18.70 16.28 8.64
C ALA B 56 17.90 14.97 8.67
N ASN B 57 17.21 14.63 7.57
CA ASN B 57 16.33 13.45 7.45
C ASN B 57 17.08 12.35 6.71
N TYR B 58 17.89 11.59 7.44
CA TYR B 58 18.92 10.66 6.92
C TYR B 58 18.24 9.60 6.05
N SER B 59 17.08 9.14 6.49
CA SER B 59 16.28 8.07 5.83
C SER B 59 15.86 8.54 4.43
N ILE B 60 15.57 9.83 4.27
CA ILE B 60 15.07 10.44 2.99
C ILE B 60 16.29 10.75 2.09
N VAL B 61 17.36 11.28 2.66
CA VAL B 61 18.67 11.45 1.96
C VAL B 61 19.00 10.11 1.30
N ASP B 62 19.06 9.03 2.08
CA ASP B 62 19.46 7.68 1.63
C ASP B 62 18.52 7.21 0.51
N PHE B 63 17.19 7.36 0.69
CA PHE B 63 16.18 6.96 -0.32
C PHE B 63 16.37 7.77 -1.62
N LEU B 64 16.60 9.08 -1.49
CA LEU B 64 16.69 10.03 -2.63
C LEU B 64 17.98 9.75 -3.43
N ILE B 65 19.10 9.51 -2.77
CA ILE B 65 20.40 9.16 -3.43
C ILE B 65 20.18 7.86 -4.21
N THR B 66 19.63 6.84 -3.55
CA THR B 66 19.40 5.48 -4.13
C THR B 66 18.50 5.58 -5.37
N ALA B 67 17.51 6.47 -5.33
CA ALA B 67 16.53 6.70 -6.42
C ALA B 67 17.16 7.55 -7.54
N GLY B 68 18.37 8.07 -7.33
CA GLY B 68 19.15 8.77 -8.36
C GLY B 68 18.94 10.28 -8.35
N ALA B 69 18.70 10.86 -7.19
CA ALA B 69 18.69 12.33 -6.99
C ALA B 69 20.06 12.90 -7.44
N ASN B 70 20.05 14.08 -8.06
CA ASN B 70 21.27 14.78 -8.53
C ASN B 70 22.05 15.31 -7.31
N VAL B 71 23.17 14.66 -6.98
CA VAL B 71 24.01 14.94 -5.77
C VAL B 71 24.78 16.26 -5.97
N ASN B 72 24.78 16.84 -7.16
CA ASN B 72 25.62 18.00 -7.54
C ASN B 72 24.78 19.23 -7.85
N SER B 73 23.45 19.11 -7.83
CA SER B 73 22.50 20.19 -8.20
C SER B 73 22.81 21.45 -7.40
N PRO B 74 23.25 22.56 -8.04
CA PRO B 74 23.43 23.82 -7.34
C PRO B 74 22.11 24.60 -7.19
N ASP B 75 21.91 25.24 -6.04
CA ASP B 75 20.79 26.19 -5.80
C ASP B 75 21.17 27.55 -6.40
N SER B 76 20.30 28.55 -6.25
CA SER B 76 20.49 29.95 -6.72
C SER B 76 21.90 30.44 -6.40
N HIS B 77 22.39 30.16 -5.18
CA HIS B 77 23.65 30.73 -4.59
C HIS B 77 24.86 29.84 -4.93
N GLY B 78 24.67 28.77 -5.71
CA GLY B 78 25.75 27.86 -6.13
C GLY B 78 26.11 26.84 -5.06
N TRP B 79 25.29 26.75 -4.01
CA TRP B 79 25.40 25.74 -2.93
C TRP B 79 24.93 24.39 -3.44
N THR B 80 25.83 23.40 -3.43
CA THR B 80 25.53 21.98 -3.75
C THR B 80 25.06 21.29 -2.48
N PRO B 81 24.46 20.10 -2.59
CA PRO B 81 24.16 19.29 -1.42
C PRO B 81 25.35 19.15 -0.47
N LEU B 82 26.56 18.98 -1.02
CA LEU B 82 27.80 18.80 -0.22
C LEU B 82 28.09 20.07 0.58
N HIS B 83 27.89 21.25 -0.02
CA HIS B 83 28.05 22.56 0.67
C HIS B 83 27.12 22.60 1.90
N CYS B 84 25.84 22.25 1.70
CA CYS B 84 24.81 22.28 2.76
C CYS B 84 25.18 21.31 3.89
N ALA B 85 25.56 20.08 3.52
CA ALA B 85 25.97 19.01 4.45
C ALA B 85 27.15 19.49 5.27
N ALA B 86 28.16 20.05 4.62
CA ALA B 86 29.41 20.56 5.26
C ALA B 86 29.07 21.65 6.27
N SER B 87 28.12 22.53 5.94
CA SER B 87 27.75 23.70 6.76
C SER B 87 27.10 23.24 8.09
N CYS B 88 26.59 22.01 8.13
CA CYS B 88 25.99 21.37 9.33
C CYS B 88 27.00 20.40 9.97
N ASN B 89 28.23 20.39 9.47
CA ASN B 89 29.27 19.41 9.88
C ASN B 89 28.72 17.98 9.80
N ASP B 90 27.87 17.69 8.83
CA ASP B 90 27.18 16.38 8.73
C ASP B 90 28.04 15.39 7.94
N THR B 91 29.00 14.77 8.62
CA THR B 91 30.01 13.84 8.02
C THR B 91 29.29 12.69 7.31
N VAL B 92 28.26 12.13 7.93
CA VAL B 92 27.54 10.92 7.42
C VAL B 92 26.94 11.24 6.05
N ILE B 93 26.30 12.40 5.90
CA ILE B 93 25.68 12.85 4.62
C ILE B 93 26.79 13.19 3.61
N CYS B 94 27.85 13.86 4.05
CA CYS B 94 29.02 14.19 3.22
C CYS B 94 29.58 12.89 2.59
N MET B 95 29.68 11.82 3.38
CA MET B 95 30.20 10.49 2.95
C MET B 95 29.28 9.90 1.89
N ALA B 96 27.97 9.92 2.13
CA ALA B 96 26.95 9.37 1.21
C ALA B 96 26.97 10.13 -0.12
N LEU B 97 27.11 11.45 -0.08
CA LEU B 97 27.16 12.30 -1.31
C LEU B 97 28.43 11.99 -2.10
N VAL B 98 29.58 12.05 -1.45
CA VAL B 98 30.90 11.79 -2.10
C VAL B 98 30.84 10.42 -2.76
N GLN B 99 30.26 9.41 -2.09
CA GLN B 99 30.28 7.98 -2.51
C GLN B 99 29.32 7.76 -3.69
N HIS B 100 28.49 8.76 -4.02
CA HIS B 100 27.51 8.70 -5.13
C HIS B 100 27.73 9.89 -6.10
N GLY B 101 28.92 10.50 -6.07
CA GLY B 101 29.49 11.26 -7.21
C GLY B 101 29.50 12.76 -7.00
N ALA B 102 29.50 13.23 -5.75
CA ALA B 102 29.55 14.67 -5.42
C ALA B 102 30.94 15.22 -5.79
N ALA B 103 30.99 16.46 -6.27
CA ALA B 103 32.22 17.17 -6.72
C ALA B 103 32.88 17.89 -5.53
N ILE B 104 33.95 17.33 -4.99
CA ILE B 104 34.57 17.83 -3.71
C ILE B 104 35.07 19.26 -3.90
N PHE B 105 35.42 19.67 -5.12
CA PHE B 105 36.11 20.97 -5.39
C PHE B 105 35.14 22.02 -5.94
N ALA B 106 33.84 21.71 -5.98
CA ALA B 106 32.79 22.64 -6.43
C ALA B 106 32.83 23.90 -5.56
N THR B 107 32.65 25.06 -6.18
CA THR B 107 32.75 26.39 -5.55
C THR B 107 31.39 27.08 -5.65
N THR B 108 31.01 27.84 -4.61
CA THR B 108 29.79 28.68 -4.56
C THR B 108 29.93 29.82 -5.57
N LEU B 109 28.81 30.48 -5.89
CA LEU B 109 28.75 31.55 -6.94
C LEU B 109 29.36 32.84 -6.40
N SER B 110 28.84 33.34 -5.27
CA SER B 110 29.34 34.54 -4.55
C SER B 110 30.39 34.11 -3.52
N ASP B 111 31.66 34.37 -3.80
CA ASP B 111 32.80 34.28 -2.84
C ASP B 111 33.54 32.95 -3.03
N GLY B 112 32.99 32.03 -3.84
CA GLY B 112 33.74 30.94 -4.50
C GLY B 112 34.31 29.93 -3.52
N ALA B 113 33.51 29.50 -2.55
CA ALA B 113 33.94 28.63 -1.42
C ALA B 113 33.66 27.14 -1.75
N THR B 114 34.56 26.26 -1.33
CA THR B 114 34.42 24.78 -1.37
C THR B 114 33.59 24.31 -0.17
N ALA B 115 33.15 23.05 -0.18
CA ALA B 115 32.41 22.42 0.92
C ALA B 115 33.27 22.45 2.20
N PHE B 116 34.55 22.09 2.08
CA PHE B 116 35.51 22.08 3.22
C PHE B 116 35.40 23.41 3.97
N GLU B 117 35.34 24.52 3.24
CA GLU B 117 35.45 25.90 3.80
C GLU B 117 34.17 26.27 4.56
N LYS B 118 33.07 25.52 4.36
CA LYS B 118 31.73 25.85 4.94
C LYS B 118 31.54 25.12 6.27
N CYS B 119 32.46 24.24 6.65
CA CYS B 119 32.47 23.55 7.96
C CYS B 119 32.45 24.59 9.09
N ASP B 120 31.64 24.34 10.13
CA ASP B 120 31.28 25.31 11.20
C ASP B 120 32.10 24.97 12.44
N PRO B 121 33.13 25.77 12.81
CA PRO B 121 34.00 25.43 13.93
C PRO B 121 33.31 25.55 15.32
N TYR B 122 32.09 26.07 15.39
CA TYR B 122 31.35 26.33 16.65
C TYR B 122 30.19 25.34 16.83
N ARG B 123 30.19 24.22 16.10
CA ARG B 123 29.13 23.18 16.19
C ARG B 123 29.77 21.79 16.28
N GLU B 124 29.10 20.85 16.93
CA GLU B 124 29.54 19.43 17.04
C GLU B 124 29.95 18.92 15.66
N GLY B 125 30.98 18.08 15.62
CA GLY B 125 31.38 17.28 14.43
C GLY B 125 32.35 18.04 13.53
N TYR B 126 32.74 19.26 13.89
CA TYR B 126 33.63 20.13 13.06
C TYR B 126 34.85 19.32 12.61
N ALA B 127 35.65 18.86 13.56
CA ALA B 127 36.94 18.17 13.30
C ALA B 127 36.71 16.95 12.40
N ASP B 128 35.68 16.16 12.69
CA ASP B 128 35.34 14.91 11.94
C ASP B 128 35.05 15.27 10.48
N CYS B 129 34.18 16.25 10.25
CA CYS B 129 33.69 16.64 8.90
C CYS B 129 34.81 17.30 8.10
N ALA B 130 35.54 18.24 8.71
CA ALA B 130 36.70 18.91 8.08
C ALA B 130 37.75 17.86 7.68
N THR B 131 38.07 16.94 8.58
CA THR B 131 39.09 15.87 8.36
C THR B 131 38.65 15.02 7.17
N TYR B 132 37.37 14.65 7.11
CA TYR B 132 36.80 13.79 6.04
C TYR B 132 36.95 14.50 4.69
N LEU B 133 36.46 15.72 4.60
CA LEU B 133 36.42 16.47 3.33
C LEU B 133 37.84 16.76 2.85
N ALA B 134 38.75 17.12 3.77
CA ALA B 134 40.19 17.35 3.45
C ALA B 134 40.82 16.05 2.95
N ASP B 135 40.43 14.90 3.52
CA ASP B 135 40.92 13.56 3.10
C ASP B 135 40.42 13.26 1.68
N VAL B 136 39.17 13.59 1.38
CA VAL B 136 38.59 13.37 0.02
C VAL B 136 39.35 14.26 -0.98
N GLU B 137 39.59 15.52 -0.63
CA GLU B 137 40.38 16.49 -1.45
C GLU B 137 41.74 15.87 -1.75
N GLN B 138 42.45 15.41 -0.72
CA GLN B 138 43.81 14.81 -0.78
C GLN B 138 43.77 13.59 -1.70
N SER B 139 42.77 12.74 -1.52
CA SER B 139 42.68 11.37 -2.11
C SER B 139 42.39 11.48 -3.61
N MET B 140 41.80 12.58 -4.02
CA MET B 140 41.35 12.79 -5.41
C MET B 140 42.57 12.92 -6.35
N GLY B 141 42.67 12.03 -7.33
CA GLY B 141 43.81 11.94 -8.26
C GLY B 141 44.91 11.02 -7.75
N LEU B 142 44.67 10.37 -6.62
CA LEU B 142 45.62 9.46 -5.95
C LEU B 142 44.98 8.07 -5.88
N MET B 143 43.78 8.02 -5.30
CA MET B 143 42.90 6.85 -5.20
C MET B 143 42.50 6.37 -6.59
N ASN B 144 42.02 5.13 -6.70
CA ASN B 144 41.39 4.58 -7.93
C ASN B 144 42.42 4.64 -9.08
N SER B 145 43.72 4.57 -8.76
CA SER B 145 44.86 4.66 -9.71
C SER B 145 44.87 6.01 -10.42
N GLY B 146 44.44 7.07 -9.73
CA GLY B 146 44.43 8.46 -10.25
C GLY B 146 43.23 8.74 -11.15
N ALA B 147 42.37 7.74 -11.32
CA ALA B 147 41.10 7.84 -12.05
C ALA B 147 40.11 8.69 -11.24
N VAL B 148 39.51 9.67 -11.92
CA VAL B 148 38.38 10.49 -11.42
C VAL B 148 37.33 10.51 -12.53
N TYR B 149 36.08 10.79 -12.17
CA TYR B 149 34.88 10.67 -13.05
C TYR B 149 34.38 12.08 -13.38
N ALA B 150 34.37 12.43 -14.66
CA ALA B 150 33.81 13.69 -15.18
C ALA B 150 32.31 13.72 -14.84
N LEU B 151 31.82 14.84 -14.31
CA LEU B 151 30.41 15.00 -13.88
C LEU B 151 29.66 15.91 -14.87
N TRP B 152 30.41 16.61 -15.74
CA TRP B 152 29.88 17.38 -16.89
C TRP B 152 30.81 17.20 -18.09
N ASP B 153 30.32 17.47 -19.31
CA ASP B 153 31.15 17.71 -20.50
C ASP B 153 32.06 18.90 -20.24
N TYR B 154 33.27 18.89 -20.83
CA TYR B 154 34.15 20.09 -20.94
C TYR B 154 34.80 20.15 -22.33
N SER B 155 34.88 21.37 -22.87
CA SER B 155 35.49 21.72 -24.18
C SER B 155 36.72 22.61 -23.93
N ALA B 156 37.90 22.08 -24.21
CA ALA B 156 39.20 22.80 -24.12
C ALA B 156 39.05 24.20 -24.75
N GLU B 157 39.62 25.21 -24.11
CA GLU B 157 39.64 26.61 -24.62
C GLU B 157 41.06 27.02 -24.99
N PHE B 158 42.04 26.18 -24.67
CA PHE B 158 43.46 26.30 -25.07
C PHE B 158 44.01 24.90 -25.40
N GLY B 159 45.09 24.83 -26.19
CA GLY B 159 45.63 23.59 -26.75
C GLY B 159 46.21 22.67 -25.69
N ASP B 160 46.57 23.23 -24.51
CA ASP B 160 47.18 22.46 -23.38
C ASP B 160 46.09 22.01 -22.41
N GLU B 161 44.82 22.09 -22.79
CA GLU B 161 43.67 21.57 -21.99
C GLU B 161 43.13 20.31 -22.65
N LEU B 162 42.44 19.49 -21.87
CA LEU B 162 41.81 18.23 -22.27
C LEU B 162 40.31 18.46 -22.38
N SER B 163 39.70 18.14 -23.53
CA SER B 163 38.23 17.96 -23.67
C SER B 163 37.84 16.58 -23.10
N PHE B 164 36.64 16.44 -22.55
CA PHE B 164 36.13 15.16 -22.01
C PHE B 164 34.60 15.21 -21.91
N ARG B 165 33.98 14.03 -21.80
CA ARG B 165 32.50 13.86 -21.75
C ARG B 165 32.09 13.47 -20.32
N GLU B 166 30.90 13.88 -19.90
CA GLU B 166 30.19 13.35 -18.70
C GLU B 166 30.37 11.83 -18.68
N GLY B 167 30.90 11.29 -17.58
CA GLY B 167 30.94 9.85 -17.28
C GLY B 167 32.30 9.24 -17.54
N GLU B 168 33.12 9.89 -18.36
CA GLU B 168 34.46 9.38 -18.79
C GLU B 168 35.38 9.33 -17.57
N SER B 169 36.13 8.23 -17.46
CA SER B 169 37.25 8.04 -16.52
C SER B 169 38.47 8.83 -17.01
N VAL B 170 38.91 9.81 -16.22
CA VAL B 170 40.08 10.67 -16.54
C VAL B 170 41.15 10.40 -15.49
N THR B 171 42.40 10.25 -15.91
CA THR B 171 43.53 9.86 -15.03
C THR B 171 44.39 11.09 -14.75
N VAL B 172 44.54 11.43 -13.47
CA VAL B 172 45.35 12.58 -13.01
C VAL B 172 46.82 12.13 -12.96
N LEU B 173 47.70 12.89 -13.60
CA LEU B 173 49.16 12.62 -13.64
C LEU B 173 49.88 13.48 -12.60
N ARG B 174 49.56 14.79 -12.56
CA ARG B 174 50.11 15.76 -11.58
C ARG B 174 48.97 16.61 -11.02
N ARG B 175 48.83 16.62 -9.69
CA ARG B 175 47.94 17.57 -8.95
C ARG B 175 48.71 18.86 -8.67
N ASP B 176 49.76 18.75 -7.82
CA ASP B 176 50.52 19.88 -7.26
C ASP B 176 51.50 20.39 -8.33
N GLY B 177 51.12 21.44 -9.06
CA GLY B 177 52.05 22.28 -9.83
C GLY B 177 51.84 23.76 -9.52
N PRO B 178 52.91 24.54 -9.30
CA PRO B 178 52.77 25.96 -8.95
C PRO B 178 52.06 26.73 -10.07
N GLU B 179 52.01 26.13 -11.26
CA GLU B 179 51.39 26.67 -12.51
C GLU B 179 49.91 26.99 -12.25
N GLU B 180 49.20 26.06 -11.58
CA GLU B 180 47.71 26.11 -11.48
C GLU B 180 47.25 25.32 -10.24
N THR B 181 46.52 25.99 -9.33
CA THR B 181 45.94 25.40 -8.10
C THR B 181 44.57 24.76 -8.41
N ASP B 182 43.86 25.25 -9.44
CA ASP B 182 42.45 24.83 -9.74
C ASP B 182 42.42 23.85 -10.94
N TRP B 183 43.59 23.43 -11.44
CA TRP B 183 43.70 22.56 -12.62
C TRP B 183 44.66 21.39 -12.34
N TRP B 184 44.37 20.23 -12.92
CA TRP B 184 45.23 19.02 -12.91
C TRP B 184 45.76 18.77 -14.31
N TRP B 185 47.01 18.32 -14.43
CA TRP B 185 47.53 17.68 -15.65
C TRP B 185 47.03 16.23 -15.69
N ALA B 186 46.30 15.84 -16.73
CA ALA B 186 45.54 14.56 -16.76
C ALA B 186 45.70 13.88 -18.12
N ALA B 187 45.24 12.63 -18.20
CA ALA B 187 45.34 11.73 -19.37
C ALA B 187 43.95 11.17 -19.70
N LEU B 188 43.63 11.08 -20.98
CA LEU B 188 42.41 10.45 -21.50
C LEU B 188 42.67 10.00 -22.94
N HIS B 189 42.59 8.70 -23.21
CA HIS B 189 42.75 8.11 -24.56
C HIS B 189 44.08 8.57 -25.18
N GLY B 190 45.16 8.55 -24.39
CA GLY B 190 46.53 8.84 -24.85
C GLY B 190 46.74 10.31 -25.20
N GLN B 191 45.77 11.18 -24.90
CA GLN B 191 45.93 12.66 -24.88
C GLN B 191 46.31 13.09 -23.46
N GLU B 192 47.05 14.19 -23.33
CA GLU B 192 47.41 14.82 -22.03
C GLU B 192 47.06 16.30 -22.08
N GLY B 193 46.66 16.88 -20.95
CA GLY B 193 46.27 18.30 -20.84
C GLY B 193 45.69 18.62 -19.48
N TYR B 194 45.55 19.92 -19.19
CA TYR B 194 44.93 20.46 -17.96
C TYR B 194 43.41 20.17 -17.99
N VAL B 195 42.88 19.68 -16.88
CA VAL B 195 41.42 19.59 -16.60
C VAL B 195 41.11 20.40 -15.35
N PRO B 196 39.93 21.04 -15.28
CA PRO B 196 39.52 21.78 -14.08
C PRO B 196 39.02 20.84 -12.97
N ARG B 197 39.56 21.00 -11.76
CA ARG B 197 39.29 20.14 -10.56
C ARG B 197 37.78 19.97 -10.36
N ASN B 198 37.03 21.05 -10.48
CA ASN B 198 35.65 21.16 -9.96
C ASN B 198 34.67 20.41 -10.87
N TYR B 199 35.16 19.73 -11.90
CA TYR B 199 34.31 19.00 -12.88
C TYR B 199 34.24 17.51 -12.51
N PHE B 200 34.92 17.08 -11.45
CA PHE B 200 35.24 15.64 -11.21
C PHE B 200 34.76 15.19 -9.82
N GLY B 201 34.43 13.90 -9.72
CA GLY B 201 34.11 13.20 -8.47
C GLY B 201 34.98 11.98 -8.26
N LEU B 202 35.10 11.55 -7.00
CA LEU B 202 35.90 10.39 -6.58
C LEU B 202 35.17 9.11 -6.95
N PHE B 203 33.84 9.17 -7.00
CA PHE B 203 32.96 8.04 -7.39
C PHE B 203 32.09 8.50 -8.53
N PRO B 204 31.50 7.57 -9.32
CA PRO B 204 30.52 7.94 -10.34
C PRO B 204 29.14 8.26 -9.77
N ARG B 205 28.33 8.99 -10.56
CA ARG B 205 26.88 9.24 -10.33
C ARG B 205 26.13 7.90 -10.25
N VAL B 206 24.99 7.88 -9.58
CA VAL B 206 23.87 6.90 -9.79
C VAL B 206 23.02 7.39 -10.96
N LYS B 207 22.47 6.48 -11.77
CA LYS B 207 21.53 6.81 -12.90
C LYS B 207 20.08 6.78 -12.38
N THR C 2 -70.70 33.46 19.54
CA THR C 2 -72.00 33.66 18.80
C THR C 2 -71.73 34.11 17.36
N LYS C 3 -70.62 34.85 17.13
CA LYS C 3 -70.35 35.65 15.90
C LYS C 3 -70.15 34.74 14.69
N ARG C 4 -69.34 33.69 14.83
CA ARG C 4 -69.15 32.64 13.80
C ARG C 4 -70.50 32.05 13.39
N PRO C 5 -70.90 32.16 12.11
CA PRO C 5 -72.11 31.50 11.63
C PRO C 5 -71.88 29.99 11.49
N PHE C 6 -72.95 29.21 11.59
CA PHE C 6 -72.98 27.74 11.47
C PHE C 6 -72.84 27.38 9.98
N ARG C 7 -72.19 26.24 9.68
CA ARG C 7 -72.04 25.70 8.31
C ARG C 7 -73.19 24.75 8.01
N GLN C 8 -73.82 24.87 6.84
CA GLN C 8 -75.02 24.09 6.46
C GLN C 8 -74.58 22.78 5.79
N ASN C 9 -73.50 22.81 5.02
CA ASN C 9 -73.11 21.74 4.08
C ASN C 9 -71.62 21.41 4.28
N LEU C 10 -71.30 20.75 5.38
CA LEU C 10 -69.93 20.24 5.68
C LEU C 10 -69.60 19.11 4.70
N ASN C 11 -68.35 19.07 4.24
CA ASN C 11 -67.85 18.09 3.24
C ASN C 11 -67.38 16.85 3.99
N PRO C 12 -67.99 15.67 3.78
CA PRO C 12 -67.59 14.45 4.50
C PRO C 12 -66.07 14.19 4.45
N LEU C 13 -65.44 14.49 3.29
CA LEU C 13 -63.99 14.37 3.03
C LEU C 13 -63.19 15.24 4.03
N VAL C 14 -63.62 16.47 4.24
CA VAL C 14 -62.97 17.46 5.13
C VAL C 14 -63.05 16.97 6.57
N LEU C 15 -64.12 16.29 6.95
CA LEU C 15 -64.27 15.68 8.30
C LEU C 15 -63.32 14.47 8.43
N LEU C 16 -63.23 13.65 7.39
CA LEU C 16 -62.27 12.50 7.32
C LEU C 16 -60.83 13.01 7.48
N LEU C 17 -60.44 13.98 6.65
CA LEU C 17 -59.05 14.53 6.60
C LEU C 17 -58.69 15.12 7.96
N ASP C 18 -59.60 15.87 8.58
CA ASP C 18 -59.36 16.54 9.87
C ASP C 18 -59.22 15.48 10.97
N ALA C 19 -60.11 14.50 11.00
CA ALA C 19 -60.09 13.37 11.97
C ALA C 19 -58.74 12.61 11.83
N ALA C 20 -58.43 12.16 10.62
CA ALA C 20 -57.15 11.48 10.29
C ALA C 20 -55.96 12.28 10.85
N LEU C 21 -56.03 13.62 10.81
CA LEU C 21 -54.90 14.51 11.22
C LEU C 21 -54.83 14.60 12.75
N THR C 22 -55.95 14.85 13.42
CA THR C 22 -55.99 15.18 14.89
C THR C 22 -55.85 13.89 15.73
N GLY C 23 -56.41 12.78 15.25
CA GLY C 23 -56.26 11.44 15.86
C GLY C 23 -57.57 10.90 16.37
N GLU C 24 -58.61 10.96 15.55
CA GLU C 24 -60.00 10.56 15.90
C GLU C 24 -60.34 9.27 15.16
N LEU C 25 -59.81 8.14 15.65
CA LEU C 25 -59.93 6.82 14.98
C LEU C 25 -61.39 6.56 14.65
N GLU C 26 -62.29 6.70 15.63
CA GLU C 26 -63.71 6.28 15.54
C GLU C 26 -64.39 7.11 14.44
N VAL C 27 -64.10 8.42 14.39
CA VAL C 27 -64.66 9.37 13.38
C VAL C 27 -64.21 8.90 11.99
N VAL C 28 -62.93 8.56 11.83
CA VAL C 28 -62.33 8.10 10.55
C VAL C 28 -63.05 6.82 10.12
N GLN C 29 -63.24 5.86 11.05
CA GLN C 29 -63.86 4.54 10.79
C GLN C 29 -65.27 4.73 10.18
N GLN C 30 -66.08 5.60 10.81
CA GLN C 30 -67.49 5.86 10.39
C GLN C 30 -67.50 6.62 9.05
N ALA C 31 -66.60 7.60 8.89
CA ALA C 31 -66.49 8.46 7.67
C ALA C 31 -66.11 7.60 6.46
N VAL C 32 -65.36 6.51 6.68
CA VAL C 32 -64.87 5.61 5.60
C VAL C 32 -66.03 4.75 5.09
N LYS C 33 -66.79 4.14 6.01
CA LYS C 33 -68.05 3.40 5.69
C LYS C 33 -68.96 4.31 4.86
N GLU C 34 -69.12 5.57 5.29
CA GLU C 34 -70.12 6.52 4.73
C GLU C 34 -69.89 6.66 3.22
N MET C 35 -68.73 7.18 2.82
CA MET C 35 -68.42 7.55 1.41
C MET C 35 -67.91 6.30 0.66
N ASN C 36 -67.92 6.37 -0.68
CA ASN C 36 -67.35 5.34 -1.59
C ASN C 36 -65.85 5.18 -1.28
N ASP C 37 -65.12 6.31 -1.27
CA ASP C 37 -63.66 6.38 -1.55
C ASP C 37 -62.93 6.93 -0.34
N PRO C 38 -62.23 6.08 0.45
CA PRO C 38 -61.39 6.56 1.55
C PRO C 38 -60.13 7.30 1.06
N SER C 39 -59.69 7.00 -0.17
CA SER C 39 -58.42 7.47 -0.76
C SER C 39 -58.64 8.79 -1.52
N GLN C 40 -59.87 9.31 -1.53
CA GLN C 40 -60.24 10.55 -2.23
C GLN C 40 -59.32 11.67 -1.76
N PRO C 41 -58.62 12.38 -2.68
CA PRO C 41 -57.83 13.55 -2.32
C PRO C 41 -58.63 14.86 -2.32
N ASN C 42 -58.23 15.83 -1.47
CA ASN C 42 -58.69 17.24 -1.51
C ASN C 42 -58.01 17.96 -2.69
N GLU C 43 -58.09 19.29 -2.73
CA GLU C 43 -57.50 20.15 -3.81
C GLU C 43 -55.98 19.93 -3.88
N GLU C 44 -55.32 19.81 -2.74
CA GLU C 44 -53.82 19.83 -2.61
C GLU C 44 -53.26 18.43 -2.95
N GLY C 45 -54.13 17.44 -3.13
CA GLY C 45 -53.74 16.02 -3.37
C GLY C 45 -53.52 15.27 -2.06
N ILE C 46 -53.99 15.85 -0.95
CA ILE C 46 -53.81 15.33 0.43
C ILE C 46 -54.95 14.35 0.74
N THR C 47 -54.60 13.15 1.21
CA THR C 47 -55.52 12.04 1.55
C THR C 47 -55.52 11.80 3.06
N ALA C 48 -56.52 11.07 3.54
CA ALA C 48 -56.61 10.60 4.93
C ALA C 48 -55.25 10.02 5.36
N LEU C 49 -54.65 9.17 4.52
CA LEU C 49 -53.40 8.45 4.85
C LEU C 49 -52.25 9.46 5.04
N HIS C 50 -52.16 10.45 4.16
CA HIS C 50 -51.17 11.56 4.31
C HIS C 50 -51.30 12.16 5.71
N ASN C 51 -52.51 12.57 6.08
CA ASN C 51 -52.79 13.30 7.35
C ASN C 51 -52.49 12.38 8.53
N ALA C 52 -52.99 11.14 8.49
CA ALA C 52 -52.73 10.10 9.53
C ALA C 52 -51.21 9.97 9.77
N ILE C 53 -50.41 10.02 8.71
CA ILE C 53 -48.93 9.82 8.78
C ILE C 53 -48.29 11.06 9.42
N CYS C 54 -48.68 12.25 8.99
CA CYS C 54 -48.11 13.54 9.47
C CYS C 54 -48.59 13.82 10.89
N GLY C 55 -49.78 13.34 11.25
CA GLY C 55 -50.32 13.37 12.61
C GLY C 55 -49.69 12.33 13.52
N ALA C 56 -48.99 11.35 12.93
CA ALA C 56 -48.33 10.23 13.63
C ALA C 56 -49.38 9.38 14.37
N ASN C 57 -50.51 9.11 13.72
CA ASN C 57 -51.65 8.38 14.32
C ASN C 57 -51.63 6.94 13.82
N TYR C 58 -50.82 6.10 14.48
CA TYR C 58 -50.41 4.75 13.99
C TYR C 58 -51.65 3.88 13.81
N SER C 59 -52.59 4.01 14.75
CA SER C 59 -53.85 3.22 14.79
C SER C 59 -54.70 3.52 13.53
N ILE C 60 -54.66 4.77 13.05
CA ILE C 60 -55.46 5.22 11.86
C ILE C 60 -54.74 4.83 10.58
N VAL C 61 -53.40 5.00 10.55
CA VAL C 61 -52.55 4.50 9.42
C VAL C 61 -52.92 3.04 9.19
N ASP C 62 -52.83 2.22 10.24
CA ASP C 62 -53.06 0.74 10.19
C ASP C 62 -54.48 0.47 9.66
N PHE C 63 -55.49 1.16 10.21
CA PHE C 63 -56.91 0.99 9.78
C PHE C 63 -57.07 1.37 8.30
N LEU C 64 -56.46 2.50 7.88
CA LEU C 64 -56.64 3.08 6.52
C LEU C 64 -55.97 2.16 5.48
N ILE C 65 -54.77 1.65 5.78
CA ILE C 65 -54.04 0.71 4.87
C ILE C 65 -54.92 -0.53 4.70
N THR C 66 -55.36 -1.12 5.81
CA THR C 66 -56.15 -2.39 5.86
C THR C 66 -57.46 -2.22 5.06
N ALA C 67 -58.07 -1.03 5.14
CA ALA C 67 -59.35 -0.69 4.48
C ALA C 67 -59.10 -0.38 2.99
N GLY C 68 -57.85 -0.33 2.57
CA GLY C 68 -57.46 -0.24 1.14
C GLY C 68 -57.25 1.18 0.69
N ALA C 69 -56.82 2.09 1.58
CA ALA C 69 -56.28 3.42 1.23
C ALA C 69 -55.16 3.27 0.19
N ASN C 70 -55.10 4.16 -0.79
CA ASN C 70 -54.06 4.20 -1.84
C ASN C 70 -52.72 4.62 -1.19
N VAL C 71 -51.81 3.65 -1.04
CA VAL C 71 -50.53 3.83 -0.29
C VAL C 71 -49.57 4.70 -1.09
N ASN C 72 -49.86 4.97 -2.37
CA ASN C 72 -48.93 5.59 -3.33
C ASN C 72 -49.44 6.96 -3.82
N SER C 73 -50.61 7.40 -3.34
CA SER C 73 -51.27 8.66 -3.80
C SER C 73 -50.31 9.84 -3.64
N PRO C 74 -49.89 10.50 -4.74
CA PRO C 74 -49.05 11.69 -4.64
C PRO C 74 -49.86 12.96 -4.36
N ASP C 75 -49.35 13.84 -3.50
CA ASP C 75 -49.91 15.20 -3.25
C ASP C 75 -49.43 16.13 -4.37
N SER C 76 -49.82 17.42 -4.32
CA SER C 76 -49.47 18.46 -5.32
C SER C 76 -47.97 18.39 -5.65
N HIS C 77 -47.12 18.21 -4.62
CA HIS C 77 -45.64 18.31 -4.67
C HIS C 77 -45.01 16.95 -5.03
N GLY C 78 -45.82 15.92 -5.32
CA GLY C 78 -45.33 14.58 -5.75
C GLY C 78 -44.91 13.70 -4.57
N TRP C 79 -45.19 14.15 -3.34
CA TRP C 79 -44.92 13.42 -2.08
C TRP C 79 -45.95 12.31 -1.90
N THR C 80 -45.50 11.06 -1.85
CA THR C 80 -46.29 9.86 -1.49
C THR C 80 -46.31 9.68 0.02
N PRO C 81 -47.22 8.84 0.55
CA PRO C 81 -47.20 8.50 1.97
C PRO C 81 -45.81 8.03 2.45
N LEU C 82 -45.09 7.29 1.61
CA LEU C 82 -43.74 6.77 1.94
C LEU C 82 -42.76 7.95 2.08
N HIS C 83 -42.86 8.95 1.22
CA HIS C 83 -42.06 10.21 1.30
C HIS C 83 -42.29 10.89 2.65
N CYS C 84 -43.55 11.04 3.05
CA CYS C 84 -43.95 11.72 4.32
C CYS C 84 -43.38 10.96 5.50
N ALA C 85 -43.56 9.63 5.51
CA ALA C 85 -43.11 8.72 6.56
C ALA C 85 -41.58 8.84 6.70
N ALA C 86 -40.88 8.76 5.58
CA ALA C 86 -39.40 8.81 5.52
C ALA C 86 -38.90 10.14 6.07
N SER C 87 -39.59 11.24 5.78
CA SER C 87 -39.16 12.62 6.15
C SER C 87 -39.18 12.79 7.67
N CYS C 88 -39.96 11.96 8.37
CA CYS C 88 -40.06 11.94 9.87
C CYS C 88 -39.24 10.78 10.43
N ASN C 89 -38.46 10.11 9.60
CA ASN C 89 -37.69 8.90 9.95
C ASN C 89 -38.62 7.85 10.61
N ASP C 90 -39.86 7.75 10.16
CA ASP C 90 -40.88 6.85 10.79
C ASP C 90 -40.79 5.45 10.19
N THR C 91 -39.87 4.64 10.69
CA THR C 91 -39.55 3.29 10.18
C THR C 91 -40.80 2.41 10.24
N VAL C 92 -41.56 2.48 11.33
CA VAL C 92 -42.75 1.61 11.60
C VAL C 92 -43.77 1.82 10.48
N ILE C 93 -44.04 3.08 10.11
CA ILE C 93 -45.00 3.44 9.03
C ILE C 93 -44.43 3.05 7.68
N CYS C 94 -43.13 3.29 7.46
CA CYS C 94 -42.42 2.90 6.21
C CYS C 94 -42.59 1.39 5.98
N MET C 95 -42.48 0.58 7.03
CA MET C 95 -42.61 -0.91 6.97
C MET C 95 -44.05 -1.28 6.60
N ALA C 96 -45.03 -0.65 7.24
CA ALA C 96 -46.47 -0.91 6.98
C ALA C 96 -46.82 -0.54 5.53
N LEU C 97 -46.28 0.57 5.02
CA LEU C 97 -46.54 1.01 3.61
C LEU C 97 -45.89 0.03 2.64
N VAL C 98 -44.62 -0.27 2.82
CA VAL C 98 -43.87 -1.18 1.91
C VAL C 98 -44.60 -2.54 1.86
N GLN C 99 -45.08 -3.00 3.01
CA GLN C 99 -45.72 -4.34 3.19
C GLN C 99 -47.12 -4.37 2.53
N HIS C 100 -47.66 -3.21 2.13
CA HIS C 100 -48.98 -3.07 1.49
C HIS C 100 -48.87 -2.30 0.16
N GLY C 101 -47.67 -2.28 -0.43
CA GLY C 101 -47.47 -2.08 -1.89
C GLY C 101 -46.94 -0.68 -2.23
N ALA C 102 -46.22 -0.04 -1.32
CA ALA C 102 -45.59 1.29 -1.56
C ALA C 102 -44.48 1.17 -2.60
N ALA C 103 -44.34 2.20 -3.43
CA ALA C 103 -43.38 2.29 -4.55
C ALA C 103 -42.10 2.92 -4.06
N ILE C 104 -41.10 2.11 -3.76
CA ILE C 104 -39.86 2.53 -3.05
C ILE C 104 -39.11 3.54 -3.94
N PHE C 105 -39.30 3.48 -5.27
CA PHE C 105 -38.50 4.23 -6.28
C PHE C 105 -39.25 5.47 -6.77
N ALA C 106 -40.45 5.75 -6.25
CA ALA C 106 -41.25 6.95 -6.61
C ALA C 106 -40.44 8.20 -6.29
N THR C 107 -40.48 9.22 -7.15
CA THR C 107 -39.69 10.48 -7.03
C THR C 107 -40.64 11.67 -6.86
N THR C 108 -40.28 12.64 -6.03
CA THR C 108 -41.03 13.93 -5.85
C THR C 108 -40.94 14.75 -7.14
N LEU C 109 -41.77 15.79 -7.26
CA LEU C 109 -41.76 16.74 -8.41
C LEU C 109 -40.53 17.65 -8.31
N SER C 110 -40.38 18.36 -7.18
CA SER C 110 -39.53 19.58 -7.02
C SER C 110 -38.03 19.21 -6.90
N ASP C 111 -37.66 18.26 -6.01
CA ASP C 111 -36.23 17.88 -5.76
C ASP C 111 -35.94 16.56 -6.48
N GLY C 112 -36.97 15.90 -7.02
CA GLY C 112 -36.86 14.59 -7.71
C GLY C 112 -36.36 13.46 -6.81
N ALA C 113 -36.78 13.45 -5.54
CA ALA C 113 -36.18 12.63 -4.45
C ALA C 113 -37.03 11.36 -4.23
N THR C 114 -36.37 10.22 -3.97
CA THR C 114 -36.98 8.97 -3.45
C THR C 114 -37.27 9.11 -1.95
N ALA C 115 -38.00 8.18 -1.36
CA ALA C 115 -38.30 8.17 0.08
C ALA C 115 -36.99 8.08 0.89
N PHE C 116 -36.09 7.20 0.51
CA PHE C 116 -34.76 7.05 1.16
C PHE C 116 -34.11 8.44 1.31
N GLU C 117 -34.19 9.26 0.27
CA GLU C 117 -33.45 10.55 0.17
C GLU C 117 -34.10 11.62 1.06
N LYS C 118 -35.33 11.37 1.55
CA LYS C 118 -36.10 12.34 2.37
C LYS C 118 -35.85 12.08 3.86
N CYS C 119 -35.18 10.98 4.20
CA CYS C 119 -34.77 10.66 5.59
C CYS C 119 -33.93 11.83 6.13
N ASP C 120 -34.17 12.22 7.38
CA ASP C 120 -33.62 13.45 8.00
C ASP C 120 -32.44 13.06 8.90
N PRO C 121 -31.18 13.37 8.50
CA PRO C 121 -30.01 12.91 9.24
C PRO C 121 -29.85 13.54 10.62
N TYR C 122 -30.60 14.60 10.93
CA TYR C 122 -30.46 15.39 12.19
C TYR C 122 -31.71 15.23 13.07
N ARG C 123 -32.41 14.10 12.95
CA ARG C 123 -33.58 13.73 13.81
C ARG C 123 -33.43 12.26 14.23
N GLU C 124 -33.96 11.90 15.41
CA GLU C 124 -34.02 10.53 15.94
C GLU C 124 -34.47 9.57 14.83
N GLY C 125 -33.89 8.37 14.78
CA GLY C 125 -34.40 7.24 13.97
C GLY C 125 -33.83 7.23 12.56
N TYR C 126 -32.97 8.20 12.24
CA TYR C 126 -32.36 8.35 10.89
C TYR C 126 -31.79 7.01 10.44
N ALA C 127 -30.83 6.48 11.21
CA ALA C 127 -30.08 5.26 10.84
C ALA C 127 -31.04 4.11 10.58
N ASP C 128 -32.02 3.90 11.46
CA ASP C 128 -33.00 2.78 11.37
C ASP C 128 -33.81 2.91 10.08
N CYS C 129 -34.36 4.10 9.81
CA CYS C 129 -35.27 4.36 8.67
C CYS C 129 -34.50 4.28 7.35
N ALA C 130 -33.35 4.94 7.26
CA ALA C 130 -32.48 4.93 6.07
C ALA C 130 -32.06 3.48 5.77
N THR C 131 -31.64 2.74 6.78
CA THR C 131 -31.15 1.35 6.64
C THR C 131 -32.29 0.50 6.09
N TYR C 132 -33.52 0.66 6.63
CA TYR C 132 -34.70 -0.13 6.19
C TYR C 132 -34.99 0.14 4.71
N LEU C 133 -35.11 1.40 4.33
CA LEU C 133 -35.51 1.79 2.96
C LEU C 133 -34.44 1.33 1.96
N ALA C 134 -33.16 1.51 2.30
CA ALA C 134 -32.01 1.07 1.45
C ALA C 134 -32.06 -0.46 1.29
N ASP C 135 -32.39 -1.18 2.36
CA ASP C 135 -32.53 -2.65 2.37
C ASP C 135 -33.67 -3.07 1.43
N VAL C 136 -34.81 -2.37 1.47
CA VAL C 136 -35.96 -2.66 0.58
C VAL C 136 -35.52 -2.45 -0.88
N GLU C 137 -34.83 -1.33 -1.16
CA GLU C 137 -34.31 -1.01 -2.51
C GLU C 137 -33.43 -2.17 -2.99
N GLN C 138 -32.47 -2.57 -2.16
CA GLN C 138 -31.48 -3.64 -2.48
C GLN C 138 -32.21 -4.96 -2.75
N SER C 139 -33.18 -5.29 -1.90
CA SER C 139 -33.82 -6.63 -1.84
C SER C 139 -34.74 -6.82 -3.06
N MET C 140 -35.21 -5.72 -3.63
CA MET C 140 -36.27 -5.73 -4.67
C MET C 140 -35.69 -6.29 -5.97
N GLY C 141 -36.26 -7.39 -6.47
CA GLY C 141 -35.77 -8.13 -7.66
C GLY C 141 -34.69 -9.13 -7.30
N LEU C 142 -34.58 -9.45 -6.01
CA LEU C 142 -33.56 -10.39 -5.48
C LEU C 142 -34.26 -11.42 -4.60
N MET C 143 -34.84 -11.01 -3.47
CA MET C 143 -35.54 -11.94 -2.55
C MET C 143 -36.88 -12.33 -3.17
N ASN C 144 -37.65 -13.18 -2.47
CA ASN C 144 -38.99 -13.63 -2.93
C ASN C 144 -38.83 -14.33 -4.31
N SER C 145 -37.63 -14.85 -4.61
CA SER C 145 -37.24 -15.51 -5.89
C SER C 145 -37.35 -14.50 -7.05
N GLY C 146 -37.08 -13.23 -6.79
CA GLY C 146 -37.12 -12.14 -7.80
C GLY C 146 -38.55 -11.68 -8.11
N ALA C 147 -39.52 -12.18 -7.36
CA ALA C 147 -40.95 -11.84 -7.53
C ALA C 147 -41.17 -10.40 -7.05
N VAL C 148 -41.80 -9.58 -7.89
CA VAL C 148 -42.23 -8.20 -7.58
C VAL C 148 -43.66 -8.01 -8.10
N TYR C 149 -44.40 -7.07 -7.52
CA TYR C 149 -45.83 -6.84 -7.82
C TYR C 149 -45.99 -5.48 -8.49
N ALA C 150 -46.58 -5.49 -9.68
CA ALA C 150 -46.98 -4.28 -10.44
C ALA C 150 -47.96 -3.45 -9.58
N LEU C 151 -47.71 -2.15 -9.47
CA LEU C 151 -48.52 -1.22 -8.64
C LEU C 151 -49.40 -0.33 -9.54
N TRP C 152 -49.13 -0.32 -10.84
CA TRP C 152 -49.97 0.30 -11.89
C TRP C 152 -49.95 -0.60 -13.11
N ASP C 153 -50.95 -0.42 -13.99
CA ASP C 153 -50.90 -0.92 -15.39
C ASP C 153 -49.70 -0.29 -16.09
N TYR C 154 -49.09 -1.01 -17.03
CA TYR C 154 -48.12 -0.46 -18.01
C TYR C 154 -48.37 -1.07 -19.39
N SER C 155 -48.22 -0.24 -20.42
CA SER C 155 -48.36 -0.58 -21.85
C SER C 155 -47.01 -0.38 -22.53
N ALA C 156 -46.40 -1.48 -22.97
CA ALA C 156 -45.12 -1.50 -23.71
C ALA C 156 -45.17 -0.41 -24.78
N GLU C 157 -44.06 0.31 -24.96
CA GLU C 157 -43.91 1.33 -26.02
C GLU C 157 -42.89 0.86 -27.06
N PHE C 158 -42.24 -0.27 -26.79
CA PHE C 158 -41.31 -0.98 -27.70
C PHE C 158 -41.50 -2.48 -27.52
N GLY C 159 -41.19 -3.27 -28.55
CA GLY C 159 -41.47 -4.72 -28.63
C GLY C 159 -40.67 -5.53 -27.61
N ASP C 160 -39.57 -4.99 -27.08
CA ASP C 160 -38.69 -5.68 -26.08
C ASP C 160 -39.11 -5.31 -24.65
N GLU C 161 -40.26 -4.68 -24.49
CA GLU C 161 -40.84 -4.35 -23.17
C GLU C 161 -42.01 -5.30 -22.89
N LEU C 162 -42.32 -5.47 -21.62
CA LEU C 162 -43.45 -6.30 -21.13
C LEU C 162 -44.60 -5.36 -20.74
N SER C 163 -45.80 -5.56 -21.29
CA SER C 163 -47.06 -4.97 -20.76
C SER C 163 -47.48 -5.77 -19.54
N PHE C 164 -48.16 -5.14 -18.57
CA PHE C 164 -48.62 -5.81 -17.34
C PHE C 164 -49.73 -5.00 -16.70
N ARG C 165 -50.49 -5.64 -15.81
CA ARG C 165 -51.66 -5.06 -15.10
C ARG C 165 -51.29 -4.85 -13.63
N GLU C 166 -51.87 -3.84 -13.00
CA GLU C 166 -51.87 -3.67 -11.52
C GLU C 166 -52.15 -5.04 -10.88
N GLY C 167 -51.26 -5.49 -9.99
CA GLY C 167 -51.47 -6.65 -9.10
C GLY C 167 -50.70 -7.87 -9.57
N GLU C 168 -50.33 -7.92 -10.86
CA GLU C 168 -49.71 -9.10 -11.50
C GLU C 168 -48.31 -9.33 -10.88
N SER C 169 -48.01 -10.59 -10.58
CA SER C 169 -46.70 -11.06 -10.08
C SER C 169 -45.72 -11.17 -11.25
N VAL C 170 -44.63 -10.42 -11.21
CA VAL C 170 -43.58 -10.36 -12.27
C VAL C 170 -42.28 -10.90 -11.66
N THR C 171 -41.53 -11.69 -12.40
CA THR C 171 -40.24 -12.27 -11.95
C THR C 171 -39.09 -11.51 -12.63
N VAL C 172 -38.21 -10.92 -11.84
CA VAL C 172 -36.99 -10.21 -12.30
C VAL C 172 -35.91 -11.25 -12.59
N LEU C 173 -35.33 -11.22 -13.79
CA LEU C 173 -34.26 -12.14 -14.23
C LEU C 173 -32.89 -11.45 -14.08
N ARG C 174 -32.77 -10.20 -14.55
CA ARG C 174 -31.54 -9.36 -14.43
C ARG C 174 -31.93 -7.96 -13.94
N ARG C 175 -31.40 -7.53 -12.80
CA ARG C 175 -31.69 -6.19 -12.22
C ARG C 175 -30.62 -5.20 -12.68
N ASP C 176 -29.39 -5.39 -12.21
CA ASP C 176 -28.25 -4.47 -12.45
C ASP C 176 -27.68 -4.70 -13.84
N GLY C 177 -28.54 -5.05 -14.79
CA GLY C 177 -28.28 -4.95 -16.22
C GLY C 177 -27.39 -3.76 -16.52
N PRO C 178 -26.13 -3.98 -16.97
CA PRO C 178 -25.18 -2.89 -17.20
C PRO C 178 -25.70 -1.90 -18.25
N GLU C 179 -26.75 -2.30 -18.98
CA GLU C 179 -27.33 -1.56 -20.14
C GLU C 179 -28.32 -0.47 -19.66
N GLU C 180 -29.04 -0.71 -18.55
CA GLU C 180 -30.23 0.08 -18.16
C GLU C 180 -30.42 0.04 -16.63
N THR C 181 -30.36 1.23 -15.99
CA THR C 181 -30.34 1.39 -14.51
C THR C 181 -31.78 1.48 -13.97
N ASP C 182 -32.73 1.94 -14.81
CA ASP C 182 -34.15 2.19 -14.41
C ASP C 182 -35.07 1.08 -14.93
N TRP C 183 -34.52 0.04 -15.55
CA TRP C 183 -35.32 -1.07 -16.16
C TRP C 183 -34.74 -2.43 -15.75
N TRP C 184 -35.63 -3.39 -15.54
CA TRP C 184 -35.33 -4.80 -15.28
C TRP C 184 -35.69 -5.65 -16.51
N TRP C 185 -34.85 -6.63 -16.85
CA TRP C 185 -35.26 -7.79 -17.69
C TRP C 185 -36.08 -8.75 -16.84
N ALA C 186 -37.33 -9.02 -17.22
CA ALA C 186 -38.30 -9.72 -16.35
C ALA C 186 -39.10 -10.74 -17.16
N ALA C 187 -39.89 -11.55 -16.45
CA ALA C 187 -40.68 -12.67 -17.00
C ALA C 187 -42.10 -12.56 -16.46
N LEU C 188 -43.09 -12.80 -17.32
CA LEU C 188 -44.53 -12.83 -16.98
C LEU C 188 -45.26 -13.68 -18.04
N HIS C 189 -45.94 -14.74 -17.62
CA HIS C 189 -46.71 -15.65 -18.50
C HIS C 189 -45.84 -16.14 -19.66
N GLY C 190 -44.58 -16.50 -19.38
CA GLY C 190 -43.65 -17.10 -20.37
C GLY C 190 -43.19 -16.11 -21.43
N GLN C 191 -43.50 -14.83 -21.26
CA GLN C 191 -42.91 -13.70 -22.03
C GLN C 191 -41.71 -13.16 -21.23
N GLU C 192 -40.71 -12.62 -21.94
CA GLU C 192 -39.57 -11.90 -21.33
C GLU C 192 -39.44 -10.54 -21.99
N GLY C 193 -39.01 -9.54 -21.22
CA GLY C 193 -38.90 -8.15 -21.69
C GLY C 193 -38.58 -7.19 -20.56
N TYR C 194 -38.23 -5.97 -20.91
CA TYR C 194 -37.90 -4.88 -19.96
C TYR C 194 -39.19 -4.41 -19.27
N VAL C 195 -39.13 -4.24 -17.95
CA VAL C 195 -40.15 -3.53 -17.14
C VAL C 195 -39.47 -2.38 -16.40
N PRO C 196 -40.18 -1.24 -16.20
CA PRO C 196 -39.62 -0.12 -15.44
C PRO C 196 -39.68 -0.34 -13.93
N ARG C 197 -38.54 -0.20 -13.25
CA ARG C 197 -38.38 -0.45 -11.79
C ARG C 197 -39.48 0.22 -10.99
N ASN C 198 -39.79 1.48 -11.32
CA ASN C 198 -40.53 2.39 -10.43
C ASN C 198 -42.02 2.03 -10.42
N TYR C 199 -42.42 0.96 -11.14
CA TYR C 199 -43.81 0.49 -11.24
C TYR C 199 -44.09 -0.64 -10.25
N PHE C 200 -43.08 -1.07 -9.48
CA PHE C 200 -43.12 -2.36 -8.73
C PHE C 200 -42.84 -2.13 -7.26
N GLY C 201 -43.41 -3.01 -6.44
CA GLY C 201 -43.23 -3.08 -4.98
C GLY C 201 -42.89 -4.50 -4.57
N LEU C 202 -42.40 -4.64 -3.36
CA LEU C 202 -41.92 -5.93 -2.82
C LEU C 202 -43.13 -6.77 -2.41
N PHE C 203 -44.24 -6.11 -2.08
CA PHE C 203 -45.53 -6.71 -1.70
C PHE C 203 -46.62 -6.10 -2.58
N PRO C 204 -47.79 -6.76 -2.70
CA PRO C 204 -48.88 -6.24 -3.52
C PRO C 204 -49.70 -5.17 -2.78
N ARG C 205 -50.48 -4.36 -3.52
CA ARG C 205 -51.54 -3.49 -2.92
C ARG C 205 -52.61 -4.36 -2.25
N VAL C 206 -53.33 -3.79 -1.27
CA VAL C 206 -54.63 -4.28 -0.75
C VAL C 206 -55.75 -3.78 -1.68
N LYS C 207 -56.88 -4.51 -1.72
CA LYS C 207 -58.21 -4.03 -2.21
C LYS C 207 -58.99 -3.41 -1.04
N GLY D 1 75.55 -27.84 -21.79
CA GLY D 1 74.50 -28.66 -22.47
C GLY D 1 73.84 -29.65 -21.50
N THR D 2 72.64 -29.30 -21.01
CA THR D 2 71.73 -30.15 -20.19
C THR D 2 72.52 -30.94 -19.13
N LYS D 3 73.32 -30.21 -18.32
CA LYS D 3 73.92 -30.69 -17.04
C LYS D 3 72.81 -31.10 -16.06
N ARG D 4 71.76 -30.28 -15.94
CA ARG D 4 70.52 -30.60 -15.18
C ARG D 4 69.95 -31.93 -15.68
N PRO D 5 69.83 -32.94 -14.80
CA PRO D 5 69.16 -34.18 -15.17
C PRO D 5 67.64 -33.98 -15.19
N PHE D 6 66.93 -34.82 -15.92
CA PHE D 6 65.46 -34.78 -16.10
C PHE D 6 64.82 -35.38 -14.84
N ARG D 7 63.60 -34.94 -14.51
CA ARG D 7 62.78 -35.47 -13.40
C ARG D 7 61.89 -36.60 -13.94
N GLN D 8 61.83 -37.74 -13.24
CA GLN D 8 61.05 -38.94 -13.65
C GLN D 8 59.61 -38.81 -13.13
N ASN D 9 59.44 -38.19 -11.96
CA ASN D 9 58.13 -38.07 -11.25
C ASN D 9 57.93 -36.60 -10.85
N LEU D 10 57.58 -35.75 -11.83
CA LEU D 10 57.09 -34.36 -11.58
C LEU D 10 55.78 -34.42 -10.78
N ASN D 11 55.57 -33.43 -9.91
CA ASN D 11 54.43 -33.35 -8.96
C ASN D 11 53.22 -32.71 -9.65
N PRO D 12 52.12 -33.47 -9.87
CA PRO D 12 50.99 -32.97 -10.66
C PRO D 12 50.42 -31.66 -10.07
N LEU D 13 50.44 -31.56 -8.73
CA LEU D 13 49.93 -30.39 -7.96
C LEU D 13 50.78 -29.17 -8.30
N VAL D 14 52.10 -29.32 -8.32
CA VAL D 14 53.07 -28.21 -8.59
C VAL D 14 52.87 -27.73 -10.04
N LEU D 15 52.58 -28.66 -10.95
CA LEU D 15 52.31 -28.37 -12.38
C LEU D 15 50.96 -27.65 -12.49
N LEU D 16 49.94 -28.15 -11.76
CA LEU D 16 48.59 -27.55 -11.71
C LEU D 16 48.69 -26.10 -11.20
N LEU D 17 49.33 -25.89 -10.05
CA LEU D 17 49.40 -24.57 -9.37
C LEU D 17 50.13 -23.59 -10.26
N ASP D 18 51.22 -24.01 -10.89
CA ASP D 18 52.05 -23.14 -11.76
C ASP D 18 51.25 -22.78 -13.01
N ALA D 19 50.60 -23.76 -13.63
CA ALA D 19 49.76 -23.59 -14.85
C ALA D 19 48.63 -22.60 -14.55
N ALA D 20 47.85 -22.86 -13.49
CA ALA D 20 46.76 -21.99 -13.01
C ALA D 20 47.27 -20.54 -12.87
N LEU D 21 48.52 -20.35 -12.42
CA LEU D 21 49.10 -19.01 -12.14
C LEU D 21 49.51 -18.32 -13.46
N THR D 22 50.21 -19.00 -14.35
CA THR D 22 50.85 -18.40 -15.57
C THR D 22 49.80 -18.22 -16.67
N GLY D 23 48.84 -19.14 -16.78
CA GLY D 23 47.69 -19.03 -17.71
C GLY D 23 47.70 -20.13 -18.76
N GLU D 24 47.91 -21.37 -18.34
CA GLU D 24 48.04 -22.56 -19.23
C GLU D 24 46.78 -23.43 -19.09
N LEU D 25 45.67 -22.99 -19.70
CA LEU D 25 44.34 -23.63 -19.55
C LEU D 25 44.46 -25.14 -19.79
N GLU D 26 45.07 -25.53 -20.92
CA GLU D 26 45.10 -26.94 -21.40
C GLU D 26 45.87 -27.81 -20.40
N VAL D 27 46.98 -27.28 -19.86
CA VAL D 27 47.81 -27.96 -18.82
C VAL D 27 46.95 -28.21 -17.59
N VAL D 28 46.20 -27.19 -17.14
CA VAL D 28 45.28 -27.25 -15.95
C VAL D 28 44.24 -28.34 -16.21
N GLN D 29 43.64 -28.37 -17.40
CA GLN D 29 42.54 -29.31 -17.79
C GLN D 29 43.04 -30.76 -17.63
N GLN D 30 44.24 -31.05 -18.15
CA GLN D 30 44.85 -32.41 -18.15
C GLN D 30 45.26 -32.79 -16.72
N ALA D 31 45.83 -31.84 -15.96
CA ALA D 31 46.30 -32.03 -14.56
C ALA D 31 45.11 -32.36 -13.64
N VAL D 32 43.92 -31.84 -13.98
CA VAL D 32 42.68 -32.02 -13.17
C VAL D 32 42.15 -33.44 -13.39
N LYS D 33 42.06 -33.89 -14.65
CA LYS D 33 41.75 -35.30 -15.00
C LYS D 33 42.66 -36.24 -14.24
N GLU D 34 43.97 -35.95 -14.22
CA GLU D 34 45.04 -36.84 -13.69
C GLU D 34 44.70 -37.20 -12.23
N MET D 35 44.68 -36.22 -11.33
CA MET D 35 44.53 -36.43 -9.87
C MET D 35 43.04 -36.51 -9.50
N ASN D 36 42.73 -37.02 -8.29
CA ASN D 36 41.36 -37.04 -7.72
C ASN D 36 40.82 -35.62 -7.60
N ASP D 37 41.62 -34.74 -6.98
CA ASP D 37 41.17 -33.53 -6.24
C ASP D 37 41.72 -32.28 -6.93
N PRO D 38 40.88 -31.51 -7.66
CA PRO D 38 41.31 -30.24 -8.25
C PRO D 38 41.57 -29.14 -7.20
N SER D 39 40.93 -29.27 -6.04
CA SER D 39 40.93 -28.26 -4.95
C SER D 39 42.07 -28.53 -3.97
N GLN D 40 42.92 -29.52 -4.24
CA GLN D 40 44.06 -29.92 -3.38
C GLN D 40 44.92 -28.68 -3.10
N PRO D 41 45.17 -28.35 -1.81
CA PRO D 41 46.08 -27.26 -1.46
C PRO D 41 47.55 -27.69 -1.30
N ASN D 42 48.48 -26.76 -1.54
CA ASN D 42 49.92 -26.89 -1.17
C ASN D 42 50.08 -26.65 0.34
N GLU D 43 51.32 -26.46 0.81
CA GLU D 43 51.66 -26.22 2.24
C GLU D 43 50.92 -24.97 2.76
N GLU D 44 50.86 -23.92 1.94
CA GLU D 44 50.40 -22.56 2.37
C GLU D 44 48.86 -22.50 2.38
N GLY D 45 48.19 -23.54 1.88
CA GLY D 45 46.72 -23.58 1.73
C GLY D 45 46.28 -22.97 0.41
N ILE D 46 47.22 -22.77 -0.52
CA ILE D 46 47.00 -22.14 -1.86
C ILE D 46 46.55 -23.24 -2.84
N THR D 47 45.45 -22.99 -3.55
CA THR D 47 44.80 -23.92 -4.52
C THR D 47 44.93 -23.36 -5.95
N ALA D 48 44.68 -24.21 -6.94
CA ALA D 48 44.56 -23.82 -8.36
C ALA D 48 43.72 -22.53 -8.48
N LEU D 49 42.55 -22.50 -7.83
CA LEU D 49 41.59 -21.38 -7.94
C LEU D 49 42.23 -20.09 -7.40
N HIS D 50 42.92 -20.17 -6.27
CA HIS D 50 43.68 -19.01 -5.70
C HIS D 50 44.61 -18.46 -6.79
N ASN D 51 45.43 -19.32 -7.39
CA ASN D 51 46.49 -18.92 -8.36
C ASN D 51 45.81 -18.35 -9.62
N ALA D 52 44.81 -19.05 -10.15
CA ALA D 52 44.02 -18.61 -11.32
C ALA D 52 43.50 -17.19 -11.08
N ILE D 53 43.06 -16.88 -9.87
CA ILE D 53 42.43 -15.57 -9.52
C ILE D 53 43.51 -14.49 -9.50
N CYS D 54 44.65 -14.76 -8.83
CA CYS D 54 45.76 -13.80 -8.65
C CYS D 54 46.48 -13.60 -9.99
N GLY D 55 46.49 -14.63 -10.84
CA GLY D 55 47.01 -14.57 -12.23
C GLY D 55 46.05 -13.87 -13.17
N ALA D 56 44.80 -13.67 -12.73
CA ALA D 56 43.71 -13.01 -13.48
C ALA D 56 43.42 -13.81 -14.76
N ASN D 57 43.38 -15.15 -14.66
CA ASN D 57 43.19 -16.06 -15.82
C ASN D 57 41.73 -16.53 -15.84
N TYR D 58 40.85 -15.71 -16.43
CA TYR D 58 39.38 -15.79 -16.29
C TYR D 58 38.90 -17.14 -16.81
N SER D 59 39.50 -17.60 -17.90
CA SER D 59 39.17 -18.88 -18.59
C SER D 59 39.40 -20.06 -17.64
N ILE D 60 40.44 -19.98 -16.79
CA ILE D 60 40.82 -21.08 -15.86
C ILE D 60 39.96 -21.00 -14.59
N VAL D 61 39.72 -19.80 -14.08
CA VAL D 61 38.72 -19.56 -12.99
C VAL D 61 37.41 -20.26 -13.38
N ASP D 62 36.88 -19.93 -14.56
CA ASP D 62 35.58 -20.44 -15.08
C ASP D 62 35.63 -21.97 -15.15
N PHE D 63 36.71 -22.55 -15.71
CA PHE D 63 36.88 -24.02 -15.85
C PHE D 63 36.92 -24.67 -14.46
N LEU D 64 37.66 -24.07 -13.52
CA LEU D 64 37.93 -24.65 -12.17
C LEU D 64 36.64 -24.64 -11.34
N ILE D 65 35.88 -23.56 -11.39
CA ILE D 65 34.58 -23.43 -10.70
C ILE D 65 33.65 -24.52 -11.23
N THR D 66 33.51 -24.61 -12.57
CA THR D 66 32.60 -25.56 -13.29
C THR D 66 32.96 -27.00 -12.93
N ALA D 67 34.25 -27.29 -12.79
CA ALA D 67 34.80 -28.64 -12.48
C ALA D 67 34.63 -28.95 -10.98
N GLY D 68 34.20 -27.96 -10.18
CA GLY D 68 33.83 -28.15 -8.77
C GLY D 68 34.98 -27.87 -7.82
N ALA D 69 35.87 -26.94 -8.18
CA ALA D 69 36.88 -26.37 -7.26
C ALA D 69 36.15 -25.81 -6.02
N ASN D 70 36.75 -25.98 -4.84
CA ASN D 70 36.24 -25.45 -3.55
C ASN D 70 36.39 -23.92 -3.56
N VAL D 71 35.29 -23.20 -3.72
CA VAL D 71 35.25 -21.73 -3.88
C VAL D 71 35.52 -21.04 -2.55
N ASN D 72 35.55 -21.79 -1.44
CA ASN D 72 35.62 -21.22 -0.06
C ASN D 72 36.94 -21.64 0.64
N SER D 73 37.80 -22.40 -0.03
CA SER D 73 39.07 -22.93 0.54
C SER D 73 39.91 -21.79 1.10
N PRO D 74 40.14 -21.74 2.43
CA PRO D 74 41.00 -20.72 3.01
C PRO D 74 42.48 -21.10 2.90
N ASP D 75 43.34 -20.12 2.62
CA ASP D 75 44.82 -20.24 2.68
C ASP D 75 45.26 -20.10 4.14
N SER D 76 46.58 -20.16 4.40
CA SER D 76 47.21 -20.04 5.75
C SER D 76 46.58 -18.88 6.52
N HIS D 77 46.36 -17.72 5.85
CA HIS D 77 45.97 -16.42 6.45
C HIS D 77 44.43 -16.29 6.54
N GLY D 78 43.68 -17.33 6.14
CA GLY D 78 42.21 -17.36 6.21
C GLY D 78 41.57 -16.64 5.02
N TRP D 79 42.37 -16.30 4.01
CA TRP D 79 41.93 -15.65 2.75
C TRP D 79 41.26 -16.70 1.86
N THR D 80 39.98 -16.49 1.54
CA THR D 80 39.20 -17.29 0.58
C THR D 80 39.43 -16.75 -0.83
N PRO D 81 39.06 -17.50 -1.87
CA PRO D 81 39.08 -16.99 -3.24
C PRO D 81 38.38 -15.64 -3.36
N LEU D 82 37.27 -15.44 -2.64
CA LEU D 82 36.49 -14.18 -2.70
C LEU D 82 37.33 -13.04 -2.12
N HIS D 83 38.06 -13.28 -1.02
CA HIS D 83 39.00 -12.30 -0.41
C HIS D 83 40.04 -11.87 -1.47
N CYS D 84 40.65 -12.82 -2.15
CA CYS D 84 41.72 -12.58 -3.17
C CYS D 84 41.15 -11.75 -4.32
N ALA D 85 39.98 -12.16 -4.84
CA ALA D 85 39.27 -11.48 -5.94
C ALA D 85 38.98 -10.04 -5.54
N ALA D 86 38.44 -9.83 -4.34
CA ALA D 86 38.07 -8.51 -3.80
C ALA D 86 39.32 -7.62 -3.71
N SER D 87 40.45 -8.18 -3.31
CA SER D 87 41.72 -7.42 -3.07
C SER D 87 42.25 -6.87 -4.39
N CYS D 88 41.85 -7.46 -5.52
CA CYS D 88 42.21 -7.02 -6.91
C CYS D 88 41.05 -6.21 -7.52
N ASN D 89 40.02 -5.93 -6.73
CA ASN D 89 38.76 -5.28 -7.19
C ASN D 89 38.21 -6.01 -8.42
N ASP D 90 38.36 -7.33 -8.48
CA ASP D 90 37.98 -8.13 -9.67
C ASP D 90 36.50 -8.52 -9.56
N THR D 91 35.61 -7.61 -9.97
CA THR D 91 34.14 -7.77 -9.88
C THR D 91 33.70 -9.03 -10.61
N VAL D 92 34.24 -9.27 -11.81
CA VAL D 92 33.85 -10.41 -12.70
C VAL D 92 34.07 -11.74 -11.97
N ILE D 93 35.21 -11.90 -11.32
CA ILE D 93 35.57 -13.12 -10.55
C ILE D 93 34.72 -13.21 -9.28
N CYS D 94 34.52 -12.07 -8.59
CA CYS D 94 33.65 -11.99 -7.39
C CYS D 94 32.25 -12.50 -7.73
N MET D 95 31.72 -12.12 -8.91
CA MET D 95 30.37 -12.53 -9.39
C MET D 95 30.35 -14.06 -9.61
N ALA D 96 31.36 -14.60 -10.30
CA ALA D 96 31.47 -16.04 -10.62
C ALA D 96 31.55 -16.85 -9.32
N LEU D 97 32.30 -16.39 -8.33
CA LEU D 97 32.47 -17.09 -7.03
C LEU D 97 31.15 -17.07 -6.27
N VAL D 98 30.55 -15.90 -6.10
CA VAL D 98 29.27 -15.74 -5.36
C VAL D 98 28.24 -16.68 -5.99
N GLN D 99 28.20 -16.75 -7.33
CA GLN D 99 27.16 -17.48 -8.12
C GLN D 99 27.37 -18.99 -8.01
N HIS D 100 28.51 -19.44 -7.47
CA HIS D 100 28.87 -20.88 -7.31
C HIS D 100 29.25 -21.18 -5.85
N GLY D 101 28.80 -20.34 -4.92
CA GLY D 101 28.58 -20.72 -3.50
C GLY D 101 29.59 -20.12 -2.55
N ALA D 102 30.21 -19.00 -2.92
CA ALA D 102 31.19 -18.31 -2.05
C ALA D 102 30.46 -17.69 -0.86
N ALA D 103 31.11 -17.70 0.31
CA ALA D 103 30.56 -17.19 1.58
C ALA D 103 30.91 -15.71 1.71
N ILE D 104 29.95 -14.84 1.45
CA ILE D 104 30.17 -13.36 1.40
C ILE D 104 30.63 -12.88 2.78
N PHE D 105 30.25 -13.58 3.88
CA PHE D 105 30.45 -13.10 5.28
C PHE D 105 31.66 -13.80 5.92
N ALA D 106 32.40 -14.63 5.16
CA ALA D 106 33.65 -15.28 5.63
C ALA D 106 34.64 -14.20 6.05
N THR D 107 35.35 -14.43 7.14
CA THR D 107 36.30 -13.50 7.79
C THR D 107 37.71 -14.10 7.74
N THR D 108 38.73 -13.26 7.50
CA THR D 108 40.16 -13.63 7.54
C THR D 108 40.54 -14.01 8.98
N LEU D 109 41.70 -14.66 9.16
CA LEU D 109 42.22 -15.04 10.50
C LEU D 109 42.75 -13.80 11.23
N SER D 110 43.68 -13.07 10.61
CA SER D 110 44.32 -11.84 11.16
C SER D 110 43.48 -10.61 10.81
N ASP D 111 42.70 -10.11 11.79
CA ASP D 111 41.98 -8.80 11.75
C ASP D 111 40.52 -9.01 11.26
N GLY D 112 40.17 -10.25 10.87
CA GLY D 112 38.77 -10.74 10.81
C GLY D 112 37.93 -10.00 9.78
N ALA D 113 38.47 -9.80 8.58
CA ALA D 113 37.89 -8.93 7.51
C ALA D 113 37.07 -9.79 6.54
N THR D 114 35.93 -9.25 6.07
CA THR D 114 35.11 -9.79 4.96
C THR D 114 35.75 -9.44 3.62
N ALA D 115 35.29 -10.03 2.52
CA ALA D 115 35.78 -9.74 1.16
C ALA D 115 35.55 -8.27 0.84
N PHE D 116 34.37 -7.74 1.16
CA PHE D 116 34.02 -6.31 0.95
C PHE D 116 35.16 -5.42 1.47
N GLU D 117 35.68 -5.74 2.65
CA GLU D 117 36.63 -4.88 3.41
C GLU D 117 38.02 -4.92 2.77
N LYS D 118 38.27 -5.90 1.89
CA LYS D 118 39.61 -6.14 1.26
C LYS D 118 39.70 -5.42 -0.09
N CYS D 119 38.60 -4.84 -0.57
CA CYS D 119 38.57 -3.99 -1.78
C CYS D 119 39.60 -2.86 -1.63
N ASP D 120 40.33 -2.58 -2.71
CA ASP D 120 41.52 -1.69 -2.72
C ASP D 120 41.12 -0.33 -3.30
N PRO D 121 41.01 0.73 -2.46
CA PRO D 121 40.51 2.01 -2.94
C PRO D 121 41.51 2.76 -3.87
N TYR D 122 42.73 2.24 -4.06
CA TYR D 122 43.81 2.86 -4.87
C TYR D 122 44.02 2.12 -6.20
N ARG D 123 43.07 1.30 -6.63
CA ARG D 123 43.18 0.50 -7.89
C ARG D 123 41.86 0.60 -8.67
N GLU D 124 41.93 0.51 -10.00
CA GLU D 124 40.76 0.45 -10.92
C GLU D 124 39.71 -0.50 -10.36
N GLY D 125 38.43 -0.15 -10.51
CA GLY D 125 37.28 -1.05 -10.28
C GLY D 125 36.80 -1.04 -8.84
N TYR D 126 37.41 -0.22 -7.97
CA TYR D 126 37.10 -0.16 -6.52
C TYR D 126 35.58 -0.03 -6.33
N ALA D 127 35.01 1.06 -6.85
CA ALA D 127 33.58 1.42 -6.68
C ALA D 127 32.69 0.26 -7.14
N ASP D 128 32.99 -0.30 -8.32
CA ASP D 128 32.18 -1.39 -8.95
C ASP D 128 32.18 -2.61 -8.02
N CYS D 129 33.37 -3.04 -7.57
CA CYS D 129 33.56 -4.28 -6.77
C CYS D 129 32.94 -4.11 -5.37
N ALA D 130 33.22 -2.99 -4.71
CA ALA D 130 32.64 -2.66 -3.38
C ALA D 130 31.12 -2.65 -3.48
N THR D 131 30.57 -1.97 -4.50
CA THR D 131 29.11 -1.85 -4.71
C THR D 131 28.52 -3.25 -4.86
N TYR D 132 29.15 -4.12 -5.66
CA TYR D 132 28.67 -5.50 -5.94
C TYR D 132 28.62 -6.30 -4.63
N LEU D 133 29.72 -6.32 -3.90
CA LEU D 133 29.85 -7.16 -2.67
C LEU D 133 28.87 -6.65 -1.61
N ALA D 134 28.73 -5.33 -1.46
CA ALA D 134 27.77 -4.71 -0.51
C ALA D 134 26.34 -5.09 -0.91
N ASP D 135 26.05 -5.13 -2.21
CA ASP D 135 24.73 -5.54 -2.77
C ASP D 135 24.46 -7.01 -2.42
N VAL D 136 25.47 -7.88 -2.55
CA VAL D 136 25.35 -9.33 -2.21
C VAL D 136 25.07 -9.45 -0.71
N GLU D 137 25.80 -8.71 0.13
CA GLU D 137 25.63 -8.68 1.61
C GLU D 137 24.18 -8.32 1.91
N GLN D 138 23.68 -7.23 1.32
CA GLN D 138 22.31 -6.71 1.52
C GLN D 138 21.28 -7.74 1.09
N SER D 139 21.50 -8.38 -0.06
CA SER D 139 20.52 -9.24 -0.75
C SER D 139 20.36 -10.57 0.01
N MET D 140 21.40 -10.98 0.73
CA MET D 140 21.51 -12.32 1.34
C MET D 140 20.51 -12.44 2.50
N GLY D 141 19.58 -13.39 2.40
CA GLY D 141 18.49 -13.58 3.39
C GLY D 141 17.27 -12.76 3.04
N LEU D 142 17.27 -12.08 1.89
CA LEU D 142 16.17 -11.18 1.46
C LEU D 142 15.64 -11.68 0.13
N MET D 143 16.53 -11.78 -0.86
CA MET D 143 16.33 -12.30 -2.23
C MET D 143 15.84 -13.76 -2.15
N ASN D 144 15.14 -14.24 -3.20
CA ASN D 144 14.78 -15.67 -3.39
C ASN D 144 14.00 -16.16 -2.17
N SER D 145 13.22 -15.27 -1.56
CA SER D 145 12.36 -15.52 -0.38
C SER D 145 13.19 -15.91 0.83
N GLY D 146 14.43 -15.42 0.91
CA GLY D 146 15.35 -15.65 2.03
C GLY D 146 16.03 -16.99 1.96
N ALA D 147 16.02 -17.66 0.80
CA ALA D 147 16.74 -18.93 0.56
C ALA D 147 18.25 -18.71 0.64
N VAL D 148 18.96 -19.46 1.48
CA VAL D 148 20.45 -19.50 1.54
C VAL D 148 20.89 -20.96 1.69
N TYR D 149 22.10 -21.27 1.26
CA TYR D 149 22.64 -22.64 1.14
C TYR D 149 23.81 -22.79 2.12
N ALA D 150 23.69 -23.74 3.04
CA ALA D 150 24.73 -24.11 4.03
C ALA D 150 25.98 -24.57 3.27
N LEU D 151 27.16 -24.09 3.65
CA LEU D 151 28.45 -24.42 2.98
C LEU D 151 29.27 -25.36 3.87
N TRP D 152 28.89 -25.48 5.14
CA TRP D 152 29.45 -26.48 6.10
C TRP D 152 28.32 -27.01 6.96
N ASP D 153 28.54 -28.18 7.58
CA ASP D 153 27.73 -28.68 8.72
C ASP D 153 27.80 -27.65 9.86
N TYR D 154 26.73 -27.56 10.66
CA TYR D 154 26.72 -26.86 11.97
C TYR D 154 25.88 -27.65 12.98
N SER D 155 26.36 -27.69 14.23
CA SER D 155 25.73 -28.34 15.40
C SER D 155 25.37 -27.27 16.44
N ALA D 156 24.08 -27.04 16.64
CA ALA D 156 23.53 -26.10 17.64
C ALA D 156 24.29 -26.26 18.96
N GLU D 157 24.59 -25.15 19.63
CA GLU D 157 25.26 -25.14 20.97
C GLU D 157 24.30 -24.57 22.02
N PHE D 158 23.14 -24.07 21.58
CA PHE D 158 21.99 -23.64 22.43
C PHE D 158 20.70 -24.07 21.74
N GLY D 159 19.62 -24.22 22.51
CA GLY D 159 18.34 -24.79 22.05
C GLY D 159 17.62 -23.89 21.07
N ASP D 160 17.97 -22.59 21.00
CA ASP D 160 17.35 -21.61 20.07
C ASP D 160 18.18 -21.49 18.79
N GLU D 161 19.12 -22.41 18.57
CA GLU D 161 19.91 -22.48 17.32
C GLU D 161 19.43 -23.67 16.49
N LEU D 162 19.67 -23.61 15.19
CA LEU D 162 19.34 -24.65 14.21
C LEU D 162 20.63 -25.40 13.86
N SER D 163 20.65 -26.72 13.99
CA SER D 163 21.63 -27.63 13.34
C SER D 163 21.28 -27.76 11.85
N PHE D 164 22.28 -27.95 10.99
CA PHE D 164 22.08 -28.11 9.53
C PHE D 164 23.30 -28.80 8.91
N ARG D 165 23.13 -29.34 7.70
CA ARG D 165 24.16 -30.09 6.96
C ARG D 165 24.62 -29.22 5.77
N GLU D 166 25.88 -29.38 5.37
CA GLU D 166 26.40 -28.90 4.07
C GLU D 166 25.37 -29.21 2.98
N GLY D 167 24.96 -28.19 2.22
CA GLY D 167 24.15 -28.32 1.00
C GLY D 167 22.71 -27.94 1.24
N GLU D 168 22.24 -28.00 2.49
CA GLU D 168 20.80 -27.88 2.85
C GLU D 168 20.33 -26.44 2.56
N SER D 169 19.15 -26.33 1.98
CA SER D 169 18.45 -25.05 1.73
C SER D 169 17.83 -24.58 3.04
N VAL D 170 18.22 -23.38 3.50
CA VAL D 170 17.74 -22.77 4.77
C VAL D 170 17.01 -21.49 4.37
N THR D 171 15.88 -21.21 4.99
CA THR D 171 15.08 -20.00 4.73
C THR D 171 15.26 -19.02 5.90
N VAL D 172 15.73 -17.83 5.60
CA VAL D 172 15.90 -16.72 6.57
C VAL D 172 14.54 -16.04 6.76
N LEU D 173 14.10 -15.92 8.01
CA LEU D 173 12.80 -15.30 8.39
C LEU D 173 13.04 -13.85 8.82
N ARG D 174 14.06 -13.62 9.66
CA ARG D 174 14.48 -12.28 10.13
C ARG D 174 16.00 -12.17 10.03
N ARG D 175 16.52 -11.15 9.31
CA ARG D 175 17.97 -10.84 9.27
C ARG D 175 18.33 -9.89 10.42
N ASP D 176 17.83 -8.66 10.34
CA ASP D 176 18.42 -7.46 10.98
C ASP D 176 17.97 -7.41 12.45
N GLY D 177 17.52 -8.54 13.00
CA GLY D 177 17.29 -8.70 14.45
C GLY D 177 18.37 -7.95 15.22
N PRO D 178 18.04 -6.85 15.92
CA PRO D 178 19.07 -6.02 16.58
C PRO D 178 19.81 -6.83 17.65
N GLU D 179 19.25 -7.99 18.03
CA GLU D 179 19.75 -8.91 19.08
C GLU D 179 21.09 -9.55 18.65
N GLU D 180 21.30 -9.75 17.35
CA GLU D 180 22.49 -10.44 16.79
C GLU D 180 22.78 -9.93 15.37
N THR D 181 23.99 -9.41 15.15
CA THR D 181 24.46 -8.90 13.83
C THR D 181 25.01 -10.06 12.99
N ASP D 182 25.49 -11.13 13.63
CA ASP D 182 26.20 -12.25 12.97
C ASP D 182 25.28 -13.49 12.86
N TRP D 183 24.02 -13.39 13.27
CA TRP D 183 23.07 -14.54 13.28
C TRP D 183 21.73 -14.16 12.66
N TRP D 184 21.11 -15.10 11.95
CA TRP D 184 19.76 -14.99 11.34
C TRP D 184 18.80 -15.94 12.05
N TRP D 185 17.56 -15.52 12.26
CA TRP D 185 16.43 -16.40 12.61
C TRP D 185 15.94 -17.07 11.33
N ALA D 186 15.98 -18.40 11.27
CA ALA D 186 15.81 -19.18 10.02
C ALA D 186 14.90 -20.39 10.24
N ALA D 187 14.51 -21.02 9.15
CA ALA D 187 13.57 -22.16 9.08
C ALA D 187 14.22 -23.28 8.29
N LEU D 188 14.10 -24.51 8.78
CA LEU D 188 14.59 -25.74 8.13
C LEU D 188 13.83 -26.93 8.69
N HIS D 189 13.18 -27.71 7.83
CA HIS D 189 12.44 -28.96 8.20
C HIS D 189 11.41 -28.65 9.29
N GLY D 190 10.71 -27.53 9.18
CA GLY D 190 9.61 -27.15 10.09
C GLY D 190 10.10 -26.76 11.49
N GLN D 191 11.42 -26.64 11.67
CA GLN D 191 12.06 -26.06 12.88
C GLN D 191 12.37 -24.59 12.60
N GLU D 192 12.52 -23.79 13.65
CA GLU D 192 13.00 -22.40 13.61
C GLU D 192 14.13 -22.23 14.62
N GLY D 193 15.11 -21.37 14.32
CA GLY D 193 16.27 -21.12 15.21
C GLY D 193 17.31 -20.25 14.55
N TYR D 194 18.26 -19.74 15.35
CA TYR D 194 19.40 -18.90 14.89
C TYR D 194 20.37 -19.77 14.10
N VAL D 195 20.82 -19.26 12.96
CA VAL D 195 21.97 -19.80 12.18
C VAL D 195 23.01 -18.70 12.01
N PRO D 196 24.31 -19.05 12.01
CA PRO D 196 25.38 -18.07 11.79
C PRO D 196 25.55 -17.69 10.32
N ARG D 197 25.52 -16.39 10.01
CA ARG D 197 25.62 -15.81 8.65
C ARG D 197 26.72 -16.44 7.84
N ASN D 198 27.90 -16.60 8.44
CA ASN D 198 29.17 -16.83 7.71
C ASN D 198 29.24 -18.29 7.26
N TYR D 199 28.18 -19.09 7.49
CA TYR D 199 28.13 -20.52 7.08
C TYR D 199 27.40 -20.68 5.74
N PHE D 200 26.90 -19.58 5.15
CA PHE D 200 25.90 -19.62 4.07
C PHE D 200 26.38 -18.85 2.84
N GLY D 201 25.94 -19.31 1.66
CA GLY D 201 26.07 -18.61 0.38
C GLY D 201 24.69 -18.33 -0.23
N LEU D 202 24.63 -17.36 -1.15
CA LEU D 202 23.41 -16.95 -1.87
C LEU D 202 23.04 -18.00 -2.90
N PHE D 203 24.04 -18.75 -3.39
CA PHE D 203 23.90 -19.85 -4.36
C PHE D 203 24.55 -21.09 -3.77
N PRO D 204 24.22 -22.31 -4.25
CA PRO D 204 24.85 -23.53 -3.75
C PRO D 204 26.23 -23.78 -4.37
N ARG D 205 27.04 -24.63 -3.72
CA ARG D 205 28.30 -25.19 -4.29
C ARG D 205 27.96 -25.99 -5.56
N VAL D 206 28.91 -26.07 -6.49
CA VAL D 206 29.03 -27.16 -7.49
C VAL D 206 29.82 -28.27 -6.83
N LYS D 207 29.37 -29.53 -6.93
CA LYS D 207 30.09 -30.70 -6.33
C LYS D 207 31.07 -31.26 -7.36
N PRO D 208 32.26 -31.76 -6.92
CA PRO D 208 33.12 -32.56 -7.79
C PRO D 208 32.39 -33.74 -8.43
N GLN D 209 32.74 -34.08 -9.67
CA GLN D 209 32.08 -35.14 -10.49
C GLN D 209 32.41 -36.54 -9.93
N ARG D 210 31.85 -37.59 -10.55
CA ARG D 210 32.18 -39.02 -10.32
C ARG D 210 32.31 -39.29 -8.82
#